data_9IYB
#
_entry.id   9IYB
#
_cell.length_a   1.00
_cell.length_b   1.00
_cell.length_c   1.00
_cell.angle_alpha   90.00
_cell.angle_beta   90.00
_cell.angle_gamma   90.00
#
_symmetry.space_group_name_H-M   'P 1'
#
loop_
_entity.id
_entity.type
_entity.pdbx_description
1 polymer 'Prostaglandin D2 receptor 2'
2 polymer 'Guanine nucleotide-binding protein G(i) subunit alpha-1'
3 polymer 'Guanine nucleotide-binding protein G(I)/G(S)/G(T) subunit beta-1'
4 polymer 'Guanine nucleotide-binding protein G(I)/G(S)/G(O) subunit gamma-2'
5 polymer scFv16
6 non-polymer '[(2~{R})-1-hexadecanoyloxy-3-[oxidanyl-[(2~{S},3~{R},5~{R},6~{S})-2,3,4,5,6-pentakis(oxidanyl)cyclohexyl]oxy-phosphoryl]oxy-propan-2-yl] (~{Z})-octadec-9-enoate'
7 non-polymer 'PROSTAGLANDIN D2'
8 water water
#
loop_
_entity_poly.entity_id
_entity_poly.type
_entity_poly.pdbx_seq_one_letter_code
_entity_poly.pdbx_strand_id
1 'polypeptide(L)'
;MSANATLKPLCPILEQMSRLQSHSNTSIRYIDHAAVLLHGLASLLGLVENGVILFVVGCRMRQTVVTTWVLHLALSDLLA
SASLPFFTYFLAVGHSWELGTTFCKLHSSIFFLNMFASGFLLSAISLDRCLQVVRPVWAQNHRTVAAAHKVCLVLWALAV
LNTVPYFVFRDTISRLDGRIMCYYNVLLLNPGPDRDATCNSRQVALAVSKFLLAFLVPLAIIASSHAAVSLRLQHRGRRR
PGRFVRLVAAVVAAFALCWGPYHVFSLLEARAHANPGLRPLVWRGLPFVTSLAFFNSVANPVLYVLTCPDMLRKLRRSLR
TVLESVLVDDSELGGAGSSRRRRTSSTARSASPLALCSRPEEPRGPARLLGWLLGSCAASPQTGPLNRALSSTSS
;
A
2 'polypeptide(L)'
;MGCTLSAEDKAAVERSKMIDRNLREDGEKAAREVKLLLLGAGESGKNTIVKQMKIIHEAGYSEEECKQYKAVVYSNTIQS
IIAIIRAMGRLKIDFGDSARADDARQLFVLAGAAEEGFMTAELAGVIKRLWKDSGVQACFNRSREYQLNDSAAYYLNDLD
RIAQPNYIPTQQDVLRTRVKTTGIVETHFTFKDLHFKMFDVGAQRSERKKWIHCFEGVTAIIFCVALSDYDLVLAEDEEM
NRMHASMKLFDSICNNKWFTDTSIILFLNKKDLFEEKIKKSPLTICYPEYAGSNTYEEAAAYIQCQFEDLNKRKDTKEIY
THFTCSTDTKNVQFVFDAVTDVIIKNNLKDCGLF
;
B
3 'polypeptide(L)'
;MGSLLQSELDQLRQEAEQLKNQIRDARKACADATLSQITNNIDPVGRIQMRTRRTLRGHLAKIYAMHWGTDSRLLVSASQ
DGKLIIWDSYTTNKVHAIPLRSSWVMTCAYAPSGNYVACGGLDNICSIYNLKTREGNVRVSRELAGHTGYLSCCRFLDDN
QIVTSSGDTTCALWDIETGQQTTTFTGHTGDVMSLSLAPDTRLFVSGACDASAKLWDVREGMCRQTFTGHESDINAICFF
PNGNAFATGSDDATCRLFDLRADQELMTYSHDNIICGITSVSFSKSGRLLLAGYDDFNCNVWDALKADRAGVLAGHDNRV
SCLGVTDDGMAVATGSWDSFLKIWN
;
C
4 'polypeptide(L)' MASNNTASIAQARKLVEQLKMEANIDRIKVSKAAADLMAYCEAHAKEDPLLTPVPASENPFREKKFFCAIL D
5 'polypeptide(L)'
;MVQLVESGGGLVQPGGSRKLSCSASGFAFSSFGMHWVRQAPEKGLEWVAYISSGSGTIYYADTVKGRFTISRDDPKNTLF
LQMTSLRSEDTAMYYCVRSIYYYGSSPFDFWGQGTTLTVSAGGGGSGGGGSGGGGSADIVMTQATSSVPVTPGESVSISC
RSSKSLLHSNGNTYLYWFLQRPGQSPQLLIYRMSNLASGVPDRFSGSGSGTAFTLTISRLEAEDVGVYYCMQHLEYPLTF
GAGTKLEL
;
E
#
# COMPACT_ATOMS: atom_id res chain seq x y z
N LEU A 10 -8.45 50.63 38.69
CA LEU A 10 -7.71 49.91 37.62
C LEU A 10 -6.63 50.80 37.02
N CYS A 11 -5.71 50.21 36.27
CA CYS A 11 -4.61 50.95 35.67
C CYS A 11 -5.14 51.96 34.65
N PRO A 12 -4.35 52.98 34.33
CA PRO A 12 -4.87 54.05 33.45
C PRO A 12 -5.50 53.55 32.15
N ILE A 13 -4.80 52.66 31.43
CA ILE A 13 -5.28 52.23 30.12
C ILE A 13 -6.67 51.61 30.23
N LEU A 14 -6.77 50.50 30.97
CA LEU A 14 -8.06 49.81 31.08
C LEU A 14 -9.06 50.61 31.91
N GLU A 15 -8.57 51.53 32.74
CA GLU A 15 -9.49 52.38 33.52
C GLU A 15 -10.18 53.39 32.61
N GLN A 16 -9.40 54.13 31.83
CA GLN A 16 -9.99 55.13 30.93
C GLN A 16 -10.90 54.49 29.89
N MET A 17 -10.54 53.29 29.42
CA MET A 17 -11.35 52.62 28.42
C MET A 17 -12.75 52.28 28.91
N SER A 18 -12.98 52.31 30.23
CA SER A 18 -14.33 52.11 30.74
C SER A 18 -15.25 53.25 30.33
N ARG A 19 -14.68 54.41 30.04
CA ARG A 19 -15.45 55.60 29.67
C ARG A 19 -15.52 55.72 28.15
N LEU A 20 -16.32 54.84 27.55
CA LEU A 20 -16.59 54.87 26.12
C LEU A 20 -18.07 54.68 25.89
N GLN A 21 -18.56 55.27 24.80
CA GLN A 21 -19.98 55.28 24.46
C GLN A 21 -20.19 54.81 23.03
N SER A 22 -19.58 53.67 22.69
CA SER A 22 -19.68 53.12 21.34
C SER A 22 -20.89 52.20 21.22
N ILE A 31 -25.65 50.53 11.97
CA ILE A 31 -24.86 50.60 10.74
C ILE A 31 -23.37 50.35 11.00
N ASP A 32 -22.94 50.37 12.27
CA ASP A 32 -21.55 50.12 12.60
C ASP A 32 -21.29 48.66 12.96
N HIS A 33 -22.33 47.83 13.08
CA HIS A 33 -22.17 46.44 13.46
C HIS A 33 -22.11 45.49 12.25
N ALA A 34 -21.78 46.02 11.07
CA ALA A 34 -21.76 45.17 9.87
C ALA A 34 -20.40 44.49 9.72
N ALA A 35 -19.32 45.25 9.76
CA ALA A 35 -18.00 44.69 9.50
C ALA A 35 -17.62 43.64 10.55
N VAL A 36 -17.58 44.03 11.82
CA VAL A 36 -17.17 43.11 12.87
C VAL A 36 -18.09 41.90 12.99
N LEU A 37 -19.35 42.03 12.58
CA LEU A 37 -20.28 40.91 12.66
C LEU A 37 -20.07 39.94 11.50
N LEU A 38 -19.86 40.48 10.30
CA LEU A 38 -19.74 39.63 9.11
C LEU A 38 -18.50 38.75 9.16
N HIS A 39 -17.55 39.03 10.07
CA HIS A 39 -16.32 38.25 10.12
C HIS A 39 -16.57 36.78 10.43
N GLY A 40 -17.79 36.40 10.82
CA GLY A 40 -18.11 35.01 11.05
C GLY A 40 -17.89 34.15 9.83
N LEU A 41 -17.93 34.78 8.65
CA LEU A 41 -17.60 34.06 7.42
C LEU A 41 -16.21 33.44 7.51
N ALA A 42 -15.26 34.17 8.11
CA ALA A 42 -13.93 33.61 8.32
C ALA A 42 -14.00 32.36 9.18
N SER A 43 -14.77 32.39 10.26
CA SER A 43 -14.91 31.21 11.12
C SER A 43 -15.48 30.03 10.33
N LEU A 44 -16.54 30.28 9.56
CA LEU A 44 -17.17 29.21 8.79
C LEU A 44 -16.18 28.61 7.79
N LEU A 45 -15.51 29.45 7.01
CA LEU A 45 -14.58 28.95 6.01
C LEU A 45 -13.43 28.20 6.66
N GLY A 46 -12.88 28.73 7.75
CA GLY A 46 -11.81 28.03 8.43
C GLY A 46 -12.24 26.67 8.95
N LEU A 47 -13.37 26.63 9.66
CA LEU A 47 -13.90 25.35 10.13
C LEU A 47 -14.00 24.36 8.98
N VAL A 48 -14.73 24.74 7.92
CA VAL A 48 -14.99 23.81 6.82
C VAL A 48 -13.68 23.31 6.23
N GLU A 49 -12.81 24.24 5.80
CA GLU A 49 -11.61 23.86 5.09
C GLU A 49 -10.68 23.03 5.98
N ASN A 50 -10.40 23.51 7.19
CA ASN A 50 -9.49 22.79 8.07
C ASN A 50 -10.02 21.42 8.45
N GLY A 51 -11.34 21.28 8.63
CA GLY A 51 -11.89 19.97 8.91
C GLY A 51 -11.75 19.03 7.72
N VAL A 52 -12.10 19.51 6.53
CA VAL A 52 -11.98 18.67 5.33
C VAL A 52 -10.53 18.25 5.13
N ILE A 53 -9.59 19.12 5.50
CA ILE A 53 -8.18 18.79 5.30
C ILE A 53 -7.70 17.79 6.35
N LEU A 54 -8.00 18.07 7.62
CA LEU A 54 -7.58 17.17 8.69
C LEU A 54 -8.16 15.77 8.50
N PHE A 55 -9.39 15.68 7.98
CA PHE A 55 -10.00 14.38 7.76
C PHE A 55 -9.37 13.66 6.57
N VAL A 56 -9.39 14.31 5.41
CA VAL A 56 -8.87 13.66 4.20
C VAL A 56 -7.38 13.40 4.33
N VAL A 57 -6.60 14.46 4.52
CA VAL A 57 -5.15 14.31 4.56
C VAL A 57 -4.68 13.58 5.81
N GLY A 58 -5.52 13.45 6.82
CA GLY A 58 -5.11 12.87 8.09
C GLY A 58 -5.11 11.36 8.10
N CYS A 59 -6.13 10.74 7.50
CA CYS A 59 -6.25 9.29 7.53
C CYS A 59 -6.53 8.67 6.16
N ARG A 60 -6.75 9.46 5.12
CA ARG A 60 -7.05 8.94 3.80
C ARG A 60 -5.88 9.11 2.83
N MET A 61 -4.71 9.54 3.32
CA MET A 61 -3.54 9.74 2.49
C MET A 61 -2.31 9.22 3.22
N ARG A 62 -1.36 8.67 2.47
CA ARG A 62 -0.11 8.20 3.06
C ARG A 62 0.65 9.36 3.66
N GLN A 63 1.07 9.21 4.92
CA GLN A 63 1.64 10.32 5.67
C GLN A 63 3.07 10.61 5.21
N THR A 64 3.36 11.90 5.04
CA THR A 64 4.69 12.39 4.72
C THR A 64 4.97 13.62 5.57
N VAL A 65 6.21 14.11 5.50
CA VAL A 65 6.60 15.27 6.30
C VAL A 65 5.75 16.49 5.92
N VAL A 66 5.61 16.76 4.63
CA VAL A 66 4.78 17.88 4.20
C VAL A 66 3.34 17.69 4.68
N THR A 67 2.83 16.45 4.59
CA THR A 67 1.48 16.18 5.08
C THR A 67 1.40 16.39 6.59
N THR A 68 2.46 16.07 7.32
CA THR A 68 2.47 16.31 8.76
C THR A 68 2.37 17.80 9.06
N TRP A 69 3.20 18.60 8.39
CA TRP A 69 3.13 20.04 8.59
C TRP A 69 1.74 20.57 8.23
N VAL A 70 1.17 20.09 7.13
CA VAL A 70 -0.14 20.56 6.70
C VAL A 70 -1.20 20.19 7.75
N LEU A 71 -1.14 18.97 8.26
CA LEU A 71 -2.13 18.53 9.24
C LEU A 71 -2.03 19.34 10.52
N HIS A 72 -0.81 19.61 10.98
CA HIS A 72 -0.67 20.39 12.21
C HIS A 72 -1.12 21.84 12.01
N LEU A 73 -0.80 22.43 10.85
CA LEU A 73 -1.26 23.77 10.56
C LEU A 73 -2.79 23.82 10.49
N ALA A 74 -3.40 22.82 9.87
CA ALA A 74 -4.85 22.77 9.80
C ALA A 74 -5.48 22.58 11.17
N LEU A 75 -4.85 21.78 12.04
CA LEU A 75 -5.36 21.61 13.39
C LEU A 75 -5.31 22.93 14.15
N SER A 76 -4.18 23.64 14.05
CA SER A 76 -4.07 24.93 14.70
C SER A 76 -5.12 25.91 14.19
N ASP A 77 -5.30 25.95 12.85
CA ASP A 77 -6.30 26.85 12.28
C ASP A 77 -7.71 26.49 12.75
N LEU A 78 -8.03 25.20 12.78
CA LEU A 78 -9.35 24.77 13.25
C LEU A 78 -9.56 25.18 14.70
N LEU A 79 -8.57 24.95 15.56
CA LEU A 79 -8.65 25.42 16.93
C LEU A 79 -8.89 26.92 16.97
N ALA A 80 -8.24 27.67 16.08
CA ALA A 80 -8.48 29.11 15.99
C ALA A 80 -9.85 29.41 15.42
N SER A 81 -10.30 28.62 14.44
CA SER A 81 -11.59 28.88 13.81
C SER A 81 -12.75 28.60 14.77
N ALA A 82 -12.66 27.52 15.54
CA ALA A 82 -13.72 27.17 16.47
C ALA A 82 -13.84 28.15 17.62
N SER A 83 -12.84 29.02 17.82
CA SER A 83 -12.89 29.97 18.92
C SER A 83 -13.60 31.26 18.53
N LEU A 84 -13.79 31.49 17.23
CA LEU A 84 -14.42 32.74 16.79
C LEU A 84 -15.86 32.87 17.25
N PRO A 85 -16.71 31.86 17.16
CA PRO A 85 -18.12 32.05 17.57
C PRO A 85 -18.26 32.71 18.93
N PHE A 86 -17.41 32.37 19.90
CA PHE A 86 -17.48 33.02 21.20
C PHE A 86 -17.13 34.50 21.10
N PHE A 87 -16.11 34.84 20.31
CA PHE A 87 -15.78 36.25 20.10
C PHE A 87 -16.87 36.95 19.30
N THR A 88 -17.50 36.23 18.36
CA THR A 88 -18.62 36.81 17.63
C THR A 88 -19.76 37.16 18.57
N TYR A 89 -20.06 36.28 19.52
CA TYR A 89 -21.10 36.58 20.49
C TYR A 89 -20.68 37.71 21.44
N PHE A 90 -19.40 37.72 21.83
CA PHE A 90 -18.88 38.84 22.60
C PHE A 90 -19.15 40.17 21.91
N LEU A 91 -18.90 40.21 20.60
CA LEU A 91 -19.14 41.44 19.84
C LEU A 91 -20.62 41.75 19.75
N ALA A 92 -21.44 40.74 19.39
CA ALA A 92 -22.85 40.99 19.14
C ALA A 92 -23.58 41.43 20.40
N VAL A 93 -23.24 40.85 21.55
CA VAL A 93 -23.97 41.15 22.78
C VAL A 93 -23.70 42.57 23.24
N GLY A 94 -22.77 43.28 22.60
CA GLY A 94 -22.45 44.63 23.00
C GLY A 94 -20.99 44.82 23.30
N HIS A 95 -20.07 44.16 22.60
CA HIS A 95 -18.63 44.41 22.76
C HIS A 95 -18.33 44.30 24.22
N SER A 96 -18.83 43.22 24.81
CA SER A 96 -18.66 42.98 26.21
C SER A 96 -18.96 41.55 26.32
N TRP A 97 -18.56 40.95 27.43
CA TRP A 97 -18.68 39.53 27.65
C TRP A 97 -19.88 39.16 28.49
N GLU A 98 -20.13 37.88 28.66
CA GLU A 98 -21.20 37.38 29.48
C GLU A 98 -20.72 36.15 30.23
N LEU A 99 -19.42 36.02 30.50
CA LEU A 99 -18.88 34.76 31.07
C LEU A 99 -18.02 34.85 32.31
N GLY A 100 -17.87 33.72 32.99
CA GLY A 100 -17.11 33.66 34.22
C GLY A 100 -15.70 33.74 33.80
N THR A 101 -14.79 34.01 34.74
CA THR A 101 -13.44 34.25 34.30
C THR A 101 -12.82 33.08 33.60
N THR A 102 -13.20 31.88 33.97
CA THR A 102 -12.75 30.70 33.26
C THR A 102 -12.72 30.87 31.79
N PHE A 103 -13.80 31.36 31.19
CA PHE A 103 -13.88 31.41 29.74
C PHE A 103 -13.18 32.57 29.15
N CYS A 104 -13.05 33.71 29.83
CA CYS A 104 -12.24 34.76 29.20
C CYS A 104 -10.87 34.23 29.09
N LYS A 105 -10.31 33.72 30.18
CA LYS A 105 -8.93 33.37 30.16
C LYS A 105 -8.66 32.24 29.15
N LEU A 106 -9.48 31.21 29.04
CA LEU A 106 -9.21 30.10 28.14
C LEU A 106 -9.39 30.53 26.69
N HIS A 107 -10.41 31.35 26.42
CA HIS A 107 -10.65 31.82 25.06
C HIS A 107 -9.51 32.71 24.58
N SER A 108 -8.99 33.57 25.47
CA SER A 108 -7.87 34.42 25.10
C SER A 108 -6.57 33.63 24.98
N SER A 109 -6.35 32.71 25.92
CA SER A 109 -5.12 31.92 25.89
C SER A 109 -5.03 31.04 24.65
N ILE A 110 -6.14 30.36 24.32
CA ILE A 110 -6.15 29.52 23.13
C ILE A 110 -6.00 30.36 21.87
N PHE A 111 -6.42 31.63 21.91
CA PHE A 111 -6.22 32.50 20.76
C PHE A 111 -4.73 32.75 20.52
N PHE A 112 -4.02 33.23 21.54
CA PHE A 112 -2.58 33.43 21.41
C PHE A 112 -1.86 32.11 21.14
N LEU A 113 -2.39 31.00 21.69
CA LEU A 113 -1.82 29.70 21.40
C LEU A 113 -1.77 29.45 19.90
N ASN A 114 -2.89 29.67 19.22
CA ASN A 114 -2.96 29.49 17.77
C ASN A 114 -2.05 30.45 17.01
N MET A 115 -1.85 31.67 17.50
CA MET A 115 -0.97 32.62 16.83
C MET A 115 0.46 32.08 16.77
N PHE A 116 1.04 31.81 17.94
CA PHE A 116 2.41 31.29 17.98
C PHE A 116 2.49 29.94 17.29
N ALA A 117 1.44 29.12 17.41
CA ALA A 117 1.43 27.82 16.75
C ALA A 117 1.56 27.98 15.23
N SER A 118 0.69 28.80 14.64
CA SER A 118 0.75 29.01 13.20
C SER A 118 2.07 29.64 12.79
N GLY A 119 2.56 30.61 13.57
CA GLY A 119 3.84 31.22 13.24
C GLY A 119 4.96 30.21 13.19
N PHE A 120 5.10 29.41 14.25
CA PHE A 120 6.17 28.41 14.29
C PHE A 120 5.98 27.35 13.20
N LEU A 121 4.74 26.98 12.90
CA LEU A 121 4.51 25.97 11.86
C LEU A 121 4.89 26.50 10.49
N LEU A 122 4.53 27.75 10.19
CA LEU A 122 4.93 28.34 8.92
C LEU A 122 6.44 28.50 8.84
N SER A 123 7.08 28.88 9.95
CA SER A 123 8.54 28.99 9.96
C SER A 123 9.18 27.63 9.70
N ALA A 124 8.64 26.57 10.30
CA ALA A 124 9.19 25.24 10.10
C ALA A 124 8.99 24.78 8.66
N ILE A 125 7.82 25.09 8.08
CA ILE A 125 7.57 24.73 6.69
C ILE A 125 8.56 25.44 5.78
N SER A 126 8.81 26.73 6.04
CA SER A 126 9.76 27.47 5.22
C SER A 126 11.17 26.92 5.38
N LEU A 127 11.56 26.58 6.60
CA LEU A 127 12.89 26.01 6.83
C LEU A 127 13.04 24.66 6.12
N ASP A 128 11.97 23.86 6.12
CA ASP A 128 12.02 22.57 5.44
C ASP A 128 12.14 22.77 3.93
N ARG A 129 11.38 23.72 3.39
CA ARG A 129 11.48 24.02 1.96
C ARG A 129 12.88 24.49 1.60
N CYS A 130 13.49 25.32 2.44
CA CYS A 130 14.85 25.78 2.18
C CYS A 130 15.85 24.64 2.27
N LEU A 131 15.65 23.74 3.23
CA LEU A 131 16.57 22.61 3.41
C LEU A 131 16.50 21.66 2.22
N GLN A 132 15.29 21.42 1.71
CA GLN A 132 15.12 20.53 0.57
C GLN A 132 15.96 20.95 -0.63
N VAL A 133 16.33 22.23 -0.71
CA VAL A 133 17.06 22.76 -1.85
C VAL A 133 18.53 23.01 -1.51
N VAL A 134 18.81 23.45 -0.28
CA VAL A 134 20.19 23.76 0.09
C VAL A 134 20.97 22.47 0.39
N ARG A 135 20.31 21.46 0.95
CA ARG A 135 20.95 20.17 1.25
C ARG A 135 20.02 19.06 0.79
N PRO A 136 19.95 18.82 -0.52
CA PRO A 136 19.05 17.77 -1.01
C PRO A 136 19.34 16.39 -0.45
N VAL A 137 20.62 16.01 -0.37
CA VAL A 137 20.96 14.67 0.11
C VAL A 137 20.56 14.52 1.57
N TRP A 138 20.78 15.57 2.38
CA TRP A 138 20.44 15.48 3.80
C TRP A 138 18.94 15.28 4.00
N ALA A 139 18.12 16.05 3.27
CA ALA A 139 16.68 15.87 3.37
C ALA A 139 16.24 14.52 2.82
N GLN A 140 16.93 14.02 1.79
CA GLN A 140 16.57 12.74 1.21
C GLN A 140 16.85 11.61 2.19
N ASN A 141 17.94 11.71 2.95
CA ASN A 141 18.36 10.63 3.84
C ASN A 141 17.85 10.83 5.27
N HIS A 142 18.16 11.96 5.89
CA HIS A 142 17.95 12.16 7.31
C HIS A 142 16.64 12.87 7.63
N ARG A 143 15.70 12.93 6.70
CA ARG A 143 14.38 13.50 6.96
C ARG A 143 13.35 12.37 6.96
N THR A 144 12.55 12.31 8.03
CA THR A 144 11.53 11.28 8.16
C THR A 144 10.30 11.88 8.82
N VAL A 145 9.17 11.18 8.69
CA VAL A 145 7.93 11.64 9.29
C VAL A 145 8.04 11.63 10.82
N ALA A 146 8.80 10.68 11.36
CA ALA A 146 8.93 10.59 12.81
C ALA A 146 9.58 11.85 13.38
N ALA A 147 10.71 12.26 12.80
CA ALA A 147 11.40 13.46 13.30
C ALA A 147 10.53 14.70 13.13
N ALA A 148 9.77 14.77 12.03
CA ALA A 148 8.91 15.93 11.80
C ALA A 148 7.87 16.07 12.91
N HIS A 149 7.24 14.96 13.28
CA HIS A 149 6.23 15.01 14.33
C HIS A 149 6.83 15.46 15.66
N LYS A 150 8.02 14.96 16.00
CA LYS A 150 8.66 15.36 17.26
C LYS A 150 9.04 16.82 17.24
N VAL A 151 9.61 17.30 16.14
CA VAL A 151 9.95 18.72 16.03
C VAL A 151 8.70 19.58 16.18
N CYS A 152 7.62 19.15 15.53
CA CYS A 152 6.38 19.92 15.60
C CYS A 152 5.82 19.94 17.02
N LEU A 153 5.82 18.80 17.70
CA LEU A 153 5.38 18.76 19.08
C LEU A 153 6.25 19.66 19.95
N VAL A 154 7.55 19.73 19.67
CA VAL A 154 8.41 20.65 20.39
C VAL A 154 7.99 22.08 20.11
N LEU A 155 7.56 22.37 18.88
CA LEU A 155 7.11 23.72 18.55
C LEU A 155 5.86 24.09 19.34
N TRP A 156 4.92 23.15 19.47
CA TRP A 156 3.71 23.43 20.25
C TRP A 156 4.04 23.73 21.70
N ALA A 157 5.09 23.08 22.24
CA ALA A 157 5.47 23.32 23.63
C ALA A 157 5.81 24.78 23.86
N LEU A 158 6.49 25.42 22.90
CA LEU A 158 6.82 26.83 23.04
C LEU A 158 5.58 27.71 23.00
N ALA A 159 4.60 27.35 22.17
CA ALA A 159 3.37 28.15 22.10
C ALA A 159 2.63 28.12 23.44
N VAL A 160 2.41 26.93 23.98
CA VAL A 160 1.77 26.82 25.29
C VAL A 160 2.59 27.56 26.34
N LEU A 161 3.93 27.47 26.24
CA LEU A 161 4.79 28.20 27.17
C LEU A 161 4.63 29.70 27.01
N ASN A 162 4.54 30.17 25.77
CA ASN A 162 4.42 31.61 25.53
C ASN A 162 3.03 32.12 25.91
N THR A 163 2.04 31.24 26.03
CA THR A 163 0.69 31.66 26.39
C THR A 163 0.49 31.79 27.89
N VAL A 164 1.33 31.16 28.71
CA VAL A 164 1.14 31.22 30.16
C VAL A 164 1.16 32.65 30.66
N PRO A 165 2.11 33.50 30.27
CA PRO A 165 2.09 34.89 30.75
C PRO A 165 0.79 35.61 30.43
N TYR A 166 0.36 35.54 29.17
CA TYR A 166 -0.86 36.22 28.77
C TYR A 166 -2.08 35.65 29.50
N PHE A 167 -2.12 34.33 29.67
CA PHE A 167 -3.23 33.72 30.41
C PHE A 167 -3.27 34.22 31.84
N VAL A 168 -2.11 34.33 32.49
CA VAL A 168 -2.07 34.79 33.87
C VAL A 168 -2.53 36.24 33.98
N PHE A 169 -2.38 37.03 32.90
CA PHE A 169 -2.73 38.44 32.91
C PHE A 169 -4.08 38.71 32.26
N ARG A 170 -5.04 37.80 32.43
CA ARG A 170 -6.39 37.95 31.89
C ARG A 170 -7.39 37.98 33.02
N ASP A 171 -8.21 39.05 33.11
CA ASP A 171 -9.22 39.17 34.15
C ASP A 171 -10.29 40.04 33.61
N THR A 172 -11.54 39.80 34.00
CA THR A 172 -12.65 40.55 33.49
C THR A 172 -12.59 41.99 33.96
N ILE A 173 -12.12 42.89 33.11
CA ILE A 173 -12.08 44.30 33.43
C ILE A 173 -13.54 44.63 33.39
N SER A 174 -14.00 45.48 34.29
CA SER A 174 -15.40 45.82 34.38
C SER A 174 -15.66 47.20 33.81
N ARG A 175 -16.28 47.28 32.64
CA ARG A 175 -16.68 48.58 32.12
C ARG A 175 -17.77 49.01 33.11
N LEU A 176 -17.88 50.30 33.38
CA LEU A 176 -18.80 50.80 34.41
C LEU A 176 -20.26 50.45 34.23
N ASP A 177 -20.74 50.41 33.01
CA ASP A 177 -22.17 50.19 32.77
C ASP A 177 -22.54 48.73 32.57
N GLY A 178 -21.93 47.84 33.34
CA GLY A 178 -22.24 46.43 33.26
C GLY A 178 -21.79 45.82 31.97
N ARG A 179 -20.57 46.13 31.53
CA ARG A 179 -20.02 45.54 30.33
C ARG A 179 -18.69 45.04 30.81
N ILE A 180 -17.91 44.30 30.01
CA ILE A 180 -16.66 43.68 30.44
C ILE A 180 -15.69 43.79 29.30
N MET A 181 -14.40 43.70 29.58
CA MET A 181 -13.36 43.70 28.57
C MET A 181 -12.64 42.65 29.32
N CYS A 182 -12.08 41.62 28.73
CA CYS A 182 -11.43 40.59 29.54
C CYS A 182 -9.94 40.68 29.44
N TYR A 183 -9.43 41.75 28.87
CA TYR A 183 -8.02 41.84 28.59
C TYR A 183 -7.05 42.30 29.61
N TYR A 184 -5.79 42.21 29.30
CA TYR A 184 -4.71 42.78 30.09
C TYR A 184 -4.84 43.42 31.47
N ASN A 185 -5.10 42.63 32.51
CA ASN A 185 -5.03 43.15 33.88
C ASN A 185 -3.64 42.68 34.11
N VAL A 186 -2.67 43.54 33.85
CA VAL A 186 -1.28 43.11 33.87
C VAL A 186 -0.77 43.02 35.28
N LEU A 187 -1.48 43.62 36.26
CA LEU A 187 -0.99 43.69 37.63
C LEU A 187 -1.69 42.68 38.54
N LEU A 188 -2.14 41.56 37.99
CA LEU A 188 -2.73 40.52 38.82
C LEU A 188 -1.70 39.90 39.75
N LEU A 189 -0.46 39.73 39.27
CA LEU A 189 0.61 39.12 40.03
C LEU A 189 1.80 40.07 40.13
N ASN A 190 2.42 40.09 41.30
CA ASN A 190 3.62 40.89 41.55
C ASN A 190 3.41 42.36 41.23
N PRO A 191 2.53 43.04 41.97
CA PRO A 191 2.37 44.49 41.78
C PRO A 191 3.49 45.25 42.48
N ARG A 195 2.83 51.08 40.47
CA ARG A 195 1.92 50.24 39.69
C ARG A 195 1.85 50.70 38.24
N ASP A 196 1.79 52.01 38.01
CA ASP A 196 1.70 52.52 36.65
C ASP A 196 2.92 52.12 35.83
N ALA A 197 4.12 52.43 36.35
CA ALA A 197 5.35 52.13 35.61
C ALA A 197 5.52 50.64 35.42
N THR A 198 5.23 49.85 36.47
CA THR A 198 5.37 48.40 36.37
C THR A 198 4.45 47.84 35.30
N CYS A 199 3.18 48.25 35.32
CA CYS A 199 2.21 47.77 34.34
C CYS A 199 2.64 48.18 32.93
N ASN A 200 3.08 49.43 32.76
CA ASN A 200 3.51 49.89 31.45
C ASN A 200 4.69 49.07 30.94
N SER A 201 5.70 48.86 31.79
CA SER A 201 6.87 48.12 31.38
C SER A 201 6.50 46.69 31.00
N ARG A 202 5.67 46.04 31.82
CA ARG A 202 5.31 44.65 31.55
C ARG A 202 4.48 44.53 30.27
N GLN A 203 3.56 45.47 30.05
CA GLN A 203 2.75 45.44 28.82
C GLN A 203 3.62 45.66 27.60
N VAL A 204 4.57 46.61 27.68
CA VAL A 204 5.46 46.85 26.55
C VAL A 204 6.33 45.63 26.30
N ALA A 205 6.79 44.96 27.36
CA ALA A 205 7.60 43.77 27.20
C ALA A 205 6.81 42.67 26.51
N LEU A 206 5.56 42.45 26.95
CA LEU A 206 4.73 41.43 26.31
C LEU A 206 4.47 41.77 24.85
N ALA A 207 4.19 43.04 24.55
CA ALA A 207 3.93 43.44 23.18
C ALA A 207 5.15 43.22 22.29
N VAL A 208 6.33 43.62 22.76
CA VAL A 208 7.54 43.41 21.99
C VAL A 208 7.81 41.93 21.80
N SER A 209 7.61 41.12 22.85
CA SER A 209 7.86 39.69 22.76
C SER A 209 6.96 39.06 21.71
N LYS A 210 5.67 39.38 21.73
CA LYS A 210 4.76 38.80 20.74
C LYS A 210 5.08 39.29 19.34
N PHE A 211 5.34 40.59 19.17
CA PHE A 211 5.68 41.11 17.86
C PHE A 211 6.92 40.43 17.29
N LEU A 212 7.90 40.13 18.15
CA LEU A 212 9.13 39.54 17.68
C LEU A 212 8.95 38.05 17.36
N LEU A 213 8.34 37.30 18.28
CA LEU A 213 8.31 35.85 18.15
C LEU A 213 7.20 35.36 17.24
N ALA A 214 6.12 36.11 17.08
CA ALA A 214 4.95 35.66 16.33
C ALA A 214 4.85 36.28 14.94
N PHE A 215 5.35 37.50 14.74
CA PHE A 215 5.24 38.18 13.44
C PHE A 215 6.61 38.45 12.83
N LEU A 216 7.53 39.08 13.57
CA LEU A 216 8.78 39.51 12.96
C LEU A 216 9.68 38.33 12.64
N VAL A 217 9.96 37.48 13.63
CA VAL A 217 10.90 36.38 13.44
C VAL A 217 10.34 35.37 12.45
N PRO A 218 9.08 34.95 12.58
CA PRO A 218 8.54 34.01 11.57
C PRO A 218 8.52 34.58 10.17
N LEU A 219 8.11 35.84 10.01
CA LEU A 219 8.11 36.45 8.68
C LEU A 219 9.51 36.54 8.10
N ALA A 220 10.50 36.91 8.94
CA ALA A 220 11.87 36.98 8.47
C ALA A 220 12.38 35.60 8.06
N ILE A 221 12.04 34.57 8.84
CA ILE A 221 12.47 33.22 8.48
C ILE A 221 11.85 32.81 7.16
N ILE A 222 10.55 33.08 6.97
CA ILE A 222 9.88 32.71 5.72
C ILE A 222 10.54 33.43 4.55
N ALA A 223 10.80 34.72 4.71
CA ALA A 223 11.41 35.49 3.63
C ALA A 223 12.80 34.98 3.29
N SER A 224 13.62 34.74 4.31
CA SER A 224 14.98 34.26 4.07
C SER A 224 14.96 32.88 3.42
N SER A 225 14.02 32.02 3.82
CA SER A 225 13.92 30.69 3.22
C SER A 225 13.53 30.78 1.76
N HIS A 226 12.51 31.59 1.45
CA HIS A 226 12.08 31.72 0.06
C HIS A 226 13.13 32.40 -0.79
N ALA A 227 13.97 33.23 -0.17
CA ALA A 227 15.04 33.89 -0.92
C ALA A 227 16.20 32.93 -1.19
N ALA A 228 16.60 32.16 -0.18
CA ALA A 228 17.68 31.20 -0.37
C ALA A 228 17.35 30.22 -1.49
N VAL A 229 16.10 29.75 -1.54
CA VAL A 229 15.69 28.86 -2.63
C VAL A 229 15.85 29.57 -3.96
N SER A 230 15.41 30.82 -4.04
CA SER A 230 15.55 31.58 -5.27
C SER A 230 17.02 31.77 -5.64
N LEU A 231 17.82 32.22 -4.66
CA LEU A 231 19.25 32.41 -4.92
C LEU A 231 19.94 31.09 -5.25
N ARG A 232 19.55 30.02 -4.55
CA ARG A 232 20.16 28.72 -4.83
C ARG A 232 19.84 28.27 -6.25
N LEU A 233 18.59 28.43 -6.69
CA LEU A 233 18.22 28.06 -8.05
C LEU A 233 18.95 28.94 -9.07
N GLN A 234 19.10 30.22 -8.78
CA GLN A 234 19.84 31.11 -9.68
C GLN A 234 21.29 30.67 -9.80
N HIS A 235 21.89 30.23 -8.69
CA HIS A 235 23.28 29.80 -8.72
C HIS A 235 23.46 28.53 -9.55
N ARG A 236 22.47 27.64 -9.55
CA ARG A 236 22.57 26.39 -10.29
C ARG A 236 22.17 26.55 -11.76
N GLY A 237 21.80 27.75 -12.19
CA GLY A 237 21.46 27.97 -13.59
C GLY A 237 20.07 27.50 -13.97
N ARG A 238 19.12 27.55 -13.06
CA ARG A 238 17.74 27.15 -13.31
C ARG A 238 16.80 28.31 -13.03
N ARG A 239 15.87 28.55 -13.95
CA ARG A 239 14.92 29.64 -13.79
C ARG A 239 13.75 29.20 -12.91
N ARG A 240 13.07 30.20 -12.34
CA ARG A 240 11.91 29.94 -11.49
C ARG A 240 10.63 30.15 -12.29
N PRO A 241 9.73 29.16 -12.35
CA PRO A 241 8.46 29.37 -13.04
C PRO A 241 7.63 30.46 -12.39
N GLY A 242 6.68 30.98 -13.16
CA GLY A 242 5.80 32.02 -12.64
C GLY A 242 5.05 31.59 -11.39
N ARG A 243 4.80 30.29 -11.24
CA ARG A 243 4.08 29.80 -10.06
C ARG A 243 4.94 29.96 -8.81
N PHE A 244 6.27 29.89 -8.95
CA PHE A 244 7.14 29.97 -7.79
C PHE A 244 7.10 31.36 -7.17
N VAL A 245 7.53 32.38 -7.92
CA VAL A 245 7.56 33.73 -7.36
C VAL A 245 6.16 34.21 -7.01
N ARG A 246 5.16 33.84 -7.80
CA ARG A 246 3.79 34.26 -7.50
C ARG A 246 3.33 33.66 -6.17
N LEU A 247 3.58 32.36 -5.96
CA LEU A 247 3.17 31.74 -4.70
C LEU A 247 3.95 32.31 -3.53
N VAL A 248 5.23 32.61 -3.73
CA VAL A 248 6.04 33.20 -2.66
C VAL A 248 5.46 34.55 -2.26
N ALA A 249 5.15 35.40 -3.25
CA ALA A 249 4.57 36.70 -2.96
C ALA A 249 3.21 36.57 -2.29
N ALA A 250 2.41 35.59 -2.73
CA ALA A 250 1.11 35.38 -2.12
C ALA A 250 1.25 35.00 -0.66
N VAL A 251 2.17 34.09 -0.35
CA VAL A 251 2.38 33.68 1.04
C VAL A 251 2.86 34.87 1.87
N VAL A 252 3.82 35.64 1.34
CA VAL A 252 4.33 36.79 2.07
C VAL A 252 3.21 37.77 2.37
N ALA A 253 2.36 38.05 1.39
CA ALA A 253 1.27 38.99 1.60
C ALA A 253 0.28 38.44 2.62
N ALA A 254 -0.08 37.16 2.48
CA ALA A 254 -1.05 36.57 3.40
C ALA A 254 -0.55 36.62 4.84
N PHE A 255 0.74 36.39 5.06
CA PHE A 255 1.26 36.39 6.42
C PHE A 255 1.43 37.81 6.94
N ALA A 256 1.88 38.74 6.09
CA ALA A 256 2.14 40.09 6.54
C ALA A 256 0.85 40.90 6.68
N LEU A 257 -0.15 40.63 5.85
CA LEU A 257 -1.37 41.41 5.86
C LEU A 257 -2.37 40.96 6.93
N CYS A 258 -2.36 39.68 7.28
CA CYS A 258 -3.33 39.19 8.27
C CYS A 258 -2.93 39.61 9.68
N TRP A 259 -1.72 39.26 10.11
CA TRP A 259 -1.27 39.54 11.46
C TRP A 259 -0.59 40.90 11.59
N GLY A 260 -0.11 41.47 10.49
CA GLY A 260 0.58 42.74 10.52
C GLY A 260 -0.18 43.81 11.27
N PRO A 261 -1.37 44.15 10.76
CA PRO A 261 -2.17 45.18 11.44
C PRO A 261 -2.47 44.87 12.89
N TYR A 262 -2.71 43.60 13.22
CA TYR A 262 -3.00 43.25 14.62
C TYR A 262 -1.81 43.57 15.51
N HIS A 263 -0.61 43.15 15.11
CA HIS A 263 0.58 43.44 15.91
C HIS A 263 0.87 44.94 15.95
N VAL A 264 0.61 45.66 14.85
CA VAL A 264 0.84 47.09 14.85
C VAL A 264 -0.07 47.78 15.87
N PHE A 265 -1.35 47.40 15.86
CA PHE A 265 -2.29 47.98 16.81
C PHE A 265 -1.98 47.57 18.24
N SER A 266 -1.46 46.35 18.44
CA SER A 266 -1.04 45.93 19.77
C SER A 266 0.13 46.77 20.26
N LEU A 267 1.12 47.02 19.40
CA LEU A 267 2.23 47.89 19.78
C LEU A 267 1.74 49.30 20.08
N LEU A 268 0.79 49.80 19.29
CA LEU A 268 0.24 51.13 19.56
C LEU A 268 -0.45 51.16 20.91
N GLU A 269 -1.23 50.13 21.23
CA GLU A 269 -1.89 50.05 22.52
C GLU A 269 -0.87 50.01 23.65
N ALA A 270 0.24 49.28 23.47
CA ALA A 270 1.27 49.26 24.49
C ALA A 270 1.94 50.63 24.62
N ARG A 271 2.06 51.37 23.51
CA ARG A 271 2.64 52.71 23.56
C ARG A 271 1.65 53.74 24.06
N ALA A 272 0.35 53.41 24.11
CA ALA A 272 -0.66 54.37 24.53
C ALA A 272 -0.42 54.94 25.93
N HIS A 273 0.41 54.28 26.73
CA HIS A 273 0.68 54.80 28.08
C HIS A 273 1.29 56.19 28.02
N ALA A 274 2.32 56.37 27.20
CA ALA A 274 2.97 57.67 27.07
C ALA A 274 2.31 58.57 26.04
N ASN A 275 1.52 58.00 25.13
CA ASN A 275 0.83 58.76 24.08
C ASN A 275 -0.67 58.52 24.21
N PRO A 276 -1.37 59.35 24.99
CA PRO A 276 -2.82 59.13 25.14
C PRO A 276 -3.60 59.34 23.86
N GLY A 277 -3.04 60.06 22.88
CA GLY A 277 -3.73 60.28 21.63
C GLY A 277 -3.99 59.02 20.84
N LEU A 278 -3.28 57.92 21.17
CA LEU A 278 -3.46 56.67 20.43
C LEU A 278 -4.64 55.86 20.98
N ARG A 279 -5.11 56.19 22.19
CA ARG A 279 -6.17 55.40 22.81
C ARG A 279 -7.46 55.43 22.00
N PRO A 280 -7.95 56.58 21.52
CA PRO A 280 -9.18 56.56 20.72
C PRO A 280 -9.06 55.70 19.47
N LEU A 281 -7.94 55.80 18.75
CA LEU A 281 -7.76 54.99 17.55
C LEU A 281 -7.68 53.51 17.89
N VAL A 282 -7.01 53.18 19.00
CA VAL A 282 -6.88 51.78 19.39
C VAL A 282 -8.24 51.20 19.75
N TRP A 283 -9.06 51.97 20.48
CA TRP A 283 -10.36 51.47 20.90
C TRP A 283 -11.22 51.07 19.71
N ARG A 284 -11.22 51.88 18.65
CA ARG A 284 -12.10 51.63 17.51
C ARG A 284 -11.44 50.76 16.45
N GLY A 285 -10.11 50.79 16.36
CA GLY A 285 -9.42 50.07 15.31
C GLY A 285 -9.00 48.67 15.70
N LEU A 286 -8.63 48.48 16.97
CA LEU A 286 -8.15 47.17 17.42
C LEU A 286 -9.18 46.07 17.20
N PRO A 287 -10.47 46.25 17.51
CA PRO A 287 -11.43 45.15 17.32
C PRO A 287 -11.52 44.67 15.89
N PHE A 288 -11.16 45.51 14.91
CA PHE A 288 -11.29 45.13 13.51
C PHE A 288 -10.06 44.38 13.02
N VAL A 289 -8.83 44.69 13.39
CA VAL A 289 -7.67 43.86 12.97
C VAL A 289 -7.54 42.36 13.40
N THR A 290 -8.10 42.03 14.57
CA THR A 290 -8.00 40.65 15.03
C THR A 290 -8.82 39.72 14.15
N SER A 291 -9.81 40.29 13.49
CA SER A 291 -10.58 39.45 12.58
C SER A 291 -9.82 39.19 11.29
N LEU A 292 -9.08 40.16 10.79
CA LEU A 292 -8.26 39.92 9.63
C LEU A 292 -7.35 38.79 10.02
N ALA A 293 -6.91 38.78 11.27
CA ALA A 293 -6.11 37.60 11.71
C ALA A 293 -6.81 36.22 11.66
N PHE A 294 -8.02 36.11 12.23
CA PHE A 294 -8.79 34.81 12.07
C PHE A 294 -8.98 34.47 10.53
N PHE A 295 -9.00 35.49 9.68
CA PHE A 295 -9.08 35.27 8.22
C PHE A 295 -7.84 34.73 7.61
N ASN A 296 -6.69 35.16 8.07
CA ASN A 296 -5.49 34.51 7.60
C ASN A 296 -5.71 33.11 7.99
N SER A 297 -6.02 32.87 9.25
CA SER A 297 -6.33 31.44 9.56
C SER A 297 -6.98 30.75 8.39
N VAL A 298 -8.13 31.24 7.97
CA VAL A 298 -8.74 30.68 6.72
C VAL A 298 -7.89 30.46 5.48
N ALA A 299 -7.07 31.42 5.07
CA ALA A 299 -6.13 31.31 3.90
C ALA A 299 -5.17 30.13 3.85
N ASN A 300 -4.16 30.04 4.66
CA ASN A 300 -3.14 28.99 4.69
C ASN A 300 -3.55 27.77 3.88
N PRO A 301 -4.75 27.22 4.01
CA PRO A 301 -5.13 26.09 3.16
C PRO A 301 -4.93 26.34 1.67
N VAL A 302 -5.27 27.53 1.19
CA VAL A 302 -5.20 27.81 -0.24
C VAL A 302 -3.76 27.76 -0.73
N LEU A 303 -2.81 28.14 0.12
CA LEU A 303 -1.42 28.27 -0.29
C LEU A 303 -0.56 27.06 0.07
N TYR A 304 -0.89 26.35 1.16
CA TYR A 304 -0.07 25.25 1.62
C TYR A 304 -0.70 23.88 1.41
N VAL A 305 -1.97 23.81 0.99
CA VAL A 305 -2.67 22.54 0.81
C VAL A 305 -3.22 22.41 -0.60
N LEU A 306 -3.97 23.41 -1.07
CA LEU A 306 -4.54 23.38 -2.41
C LEU A 306 -3.50 23.60 -3.51
N THR A 307 -2.21 23.75 -3.18
CA THR A 307 -1.18 23.93 -4.18
C THR A 307 -0.46 22.64 -4.55
N CYS A 308 -0.54 21.61 -3.72
CA CYS A 308 0.14 20.36 -4.01
C CYS A 308 -0.70 19.53 -4.99
N PRO A 309 -0.12 19.03 -6.08
CA PRO A 309 -0.93 18.25 -7.03
C PRO A 309 -1.59 17.04 -6.40
N ASP A 310 -0.86 16.27 -5.58
CA ASP A 310 -1.44 15.06 -4.99
C ASP A 310 -2.55 15.41 -4.01
N MET A 311 -2.31 16.40 -3.15
CA MET A 311 -3.35 16.81 -2.21
C MET A 311 -4.58 17.33 -2.94
N LEU A 312 -4.37 18.10 -4.00
CA LEU A 312 -5.50 18.61 -4.77
C LEU A 312 -6.29 17.48 -5.41
N ARG A 313 -5.59 16.49 -5.96
CA ARG A 313 -6.28 15.35 -6.59
C ARG A 313 -7.07 14.57 -5.55
N LYS A 314 -6.48 14.35 -4.37
CA LYS A 314 -7.19 13.63 -3.31
C LYS A 314 -8.43 14.39 -2.87
N LEU A 315 -8.31 15.70 -2.68
CA LEU A 315 -9.46 16.51 -2.27
C LEU A 315 -10.54 16.50 -3.34
N ARG A 316 -10.16 16.61 -4.61
CA ARG A 316 -11.14 16.59 -5.68
C ARG A 316 -11.82 15.24 -5.78
N ARG A 317 -11.09 14.15 -5.55
CA ARG A 317 -11.71 12.82 -5.58
C ARG A 317 -12.69 12.65 -4.43
N SER A 318 -12.29 13.09 -3.22
CA SER A 318 -13.21 13.04 -2.09
C SER A 318 -14.44 13.91 -2.31
N LEU A 319 -14.30 15.04 -3.01
CA LEU A 319 -15.44 15.88 -3.32
C LEU A 319 -16.35 15.23 -4.35
N ARG A 320 -15.76 14.61 -5.38
CA ARG A 320 -16.56 13.94 -6.40
C ARG A 320 -17.33 12.77 -5.81
N THR A 321 -16.71 12.05 -4.86
CA THR A 321 -17.41 10.96 -4.20
C THR A 321 -18.67 11.46 -3.50
N VAL A 322 -18.53 12.53 -2.71
CA VAL A 322 -19.68 13.08 -1.99
C VAL A 322 -20.72 13.61 -2.97
N THR B 4 -15.99 -5.41 21.09
CA THR B 4 -16.74 -6.62 20.63
C THR B 4 -15.79 -7.69 20.10
N LEU B 5 -14.58 -7.29 19.75
CA LEU B 5 -13.59 -8.23 19.23
C LEU B 5 -13.20 -9.22 20.31
N SER B 6 -13.06 -10.49 19.93
CA SER B 6 -12.70 -11.54 20.87
C SER B 6 -11.22 -11.44 21.23
N ALA B 7 -10.76 -12.41 22.03
CA ALA B 7 -9.37 -12.41 22.47
C ALA B 7 -8.41 -12.56 21.29
N GLU B 8 -8.76 -13.39 20.30
CA GLU B 8 -7.89 -13.60 19.16
C GLU B 8 -8.03 -12.51 18.11
N ASP B 9 -9.22 -11.91 17.97
CA ASP B 9 -9.39 -10.82 17.01
C ASP B 9 -8.52 -9.63 17.38
N LYS B 10 -8.43 -9.32 18.67
CA LYS B 10 -7.58 -8.20 19.11
C LYS B 10 -6.11 -8.50 18.83
N ALA B 11 -5.69 -9.74 19.07
CA ALA B 11 -4.30 -10.12 18.77
C ALA B 11 -4.03 -10.01 17.28
N ALA B 12 -4.98 -10.42 16.45
CA ALA B 12 -4.81 -10.30 15.01
C ALA B 12 -4.73 -8.85 14.59
N VAL B 13 -5.54 -7.99 15.20
CA VAL B 13 -5.50 -6.56 14.88
C VAL B 13 -4.15 -5.97 15.28
N GLU B 14 -3.64 -6.37 16.44
CA GLU B 14 -2.33 -5.90 16.88
C GLU B 14 -1.23 -6.35 15.92
N ARG B 15 -1.30 -7.61 15.48
CA ARG B 15 -0.31 -8.11 14.52
C ARG B 15 -0.40 -7.35 13.20
N SER B 16 -1.63 -7.04 12.77
CA SER B 16 -1.80 -6.26 11.54
C SER B 16 -1.23 -4.86 11.69
N LYS B 17 -1.41 -4.24 12.86
CA LYS B 17 -0.83 -2.93 13.10
C LYS B 17 0.70 -2.99 13.09
N MET B 18 1.26 -4.05 13.67
CA MET B 18 2.71 -4.21 13.64
C MET B 18 3.21 -4.38 12.21
N ILE B 19 2.48 -5.16 11.41
CA ILE B 19 2.86 -5.34 10.01
C ILE B 19 2.79 -4.02 9.27
N ASP B 20 1.76 -3.21 9.57
CA ASP B 20 1.65 -1.90 8.93
C ASP B 20 2.82 -1.01 9.31
N ARG B 21 3.22 -1.04 10.59
CA ARG B 21 4.36 -0.25 11.02
C ARG B 21 5.63 -0.70 10.30
N ASN B 22 5.82 -2.01 10.18
CA ASN B 22 7.00 -2.51 9.48
C ASN B 22 6.99 -2.11 8.01
N LEU B 23 5.83 -2.16 7.37
CA LEU B 23 5.73 -1.75 5.97
C LEU B 23 6.03 -0.26 5.82
N ARG B 24 5.53 0.57 6.74
CA ARG B 24 5.83 1.99 6.69
C ARG B 24 7.31 2.25 6.87
N GLU B 25 7.95 1.54 7.80
CA GLU B 25 9.39 1.69 7.99
C GLU B 25 10.16 1.28 6.74
N ASP B 26 9.77 0.17 6.13
CA ASP B 26 10.44 -0.27 4.91
C ASP B 26 10.27 0.75 3.79
N GLY B 27 9.06 1.30 3.64
CA GLY B 27 8.85 2.33 2.63
C GLY B 27 9.70 3.55 2.88
N GLU B 28 9.73 4.03 4.12
CA GLU B 28 10.56 5.18 4.45
C GLU B 28 12.03 4.89 4.13
N LYS B 29 12.50 3.68 4.45
CA LYS B 29 13.88 3.33 4.16
C LYS B 29 14.13 3.22 2.67
N ALA B 30 13.20 2.59 1.95
CA ALA B 30 13.39 2.39 0.52
C ALA B 30 13.31 3.69 -0.26
N ALA B 31 12.45 4.61 0.19
CA ALA B 31 12.28 5.89 -0.52
C ALA B 31 13.55 6.72 -0.52
N ARG B 32 14.51 6.42 0.36
CA ARG B 32 15.74 7.22 0.41
C ARG B 32 16.64 6.92 -0.77
N GLU B 33 16.61 5.69 -1.29
CA GLU B 33 17.50 5.30 -2.38
C GLU B 33 16.95 5.81 -3.71
N VAL B 34 17.85 6.31 -4.56
CA VAL B 34 17.44 6.82 -5.86
C VAL B 34 17.24 5.66 -6.83
N LYS B 35 16.26 5.80 -7.72
CA LYS B 35 15.94 4.79 -8.71
C LYS B 35 16.12 5.38 -10.10
N LEU B 36 17.04 4.80 -10.88
CA LEU B 36 17.30 5.24 -12.24
C LEU B 36 17.39 4.02 -13.15
N LEU B 37 17.03 4.21 -14.42
CA LEU B 37 16.97 3.14 -15.40
C LEU B 37 18.12 3.27 -16.38
N LEU B 38 18.75 2.14 -16.71
CA LEU B 38 19.85 2.10 -17.66
C LEU B 38 19.34 1.51 -18.97
N LEU B 39 19.60 2.19 -20.09
CA LEU B 39 19.15 1.76 -21.40
C LEU B 39 20.29 1.94 -22.39
N GLY B 40 20.06 1.46 -23.61
CA GLY B 40 21.04 1.54 -24.69
C GLY B 40 21.36 0.18 -25.25
N ALA B 41 22.12 0.20 -26.34
CA ALA B 41 22.53 -1.03 -27.00
C ALA B 41 23.62 -1.74 -26.19
N GLY B 42 23.94 -2.96 -26.59
CA GLY B 42 24.94 -3.75 -25.89
C GLY B 42 26.35 -3.26 -26.13
N GLU B 43 26.65 -2.89 -27.37
CA GLU B 43 27.97 -2.37 -27.73
C GLU B 43 28.16 -0.92 -27.34
N SER B 44 27.16 -0.28 -26.72
CA SER B 44 27.27 1.12 -26.35
C SER B 44 28.20 1.33 -25.15
N GLY B 45 28.68 0.26 -24.53
CA GLY B 45 29.59 0.40 -23.41
C GLY B 45 28.94 0.42 -22.04
N LYS B 46 27.69 -0.05 -21.92
CA LYS B 46 27.04 -0.07 -20.62
C LYS B 46 27.78 -1.00 -19.65
N ASN B 47 28.36 -2.08 -20.18
CA ASN B 47 29.07 -3.03 -19.32
C ASN B 47 30.25 -2.35 -18.63
N THR B 48 31.01 -1.54 -19.38
CA THR B 48 32.16 -0.85 -18.78
C THR B 48 31.69 0.15 -17.73
N ILE B 49 30.58 0.84 -18.00
CA ILE B 49 30.05 1.80 -17.03
C ILE B 49 29.68 1.09 -15.74
N VAL B 50 28.95 -0.03 -15.85
CA VAL B 50 28.56 -0.78 -14.67
C VAL B 50 29.78 -1.29 -13.92
N LYS B 51 30.79 -1.78 -14.65
CA LYS B 51 31.99 -2.32 -14.01
C LYS B 51 32.72 -1.23 -13.25
N GLN B 52 32.90 -0.05 -13.86
CA GLN B 52 33.61 1.03 -13.18
C GLN B 52 32.82 1.54 -11.98
N MET B 53 31.49 1.63 -12.11
CA MET B 53 30.68 2.07 -10.98
C MET B 53 30.74 1.07 -9.83
N LYS B 54 30.79 -0.22 -10.14
CA LYS B 54 30.91 -1.23 -9.09
C LYS B 54 32.29 -1.18 -8.44
N ILE B 55 33.34 -0.98 -9.24
CA ILE B 55 34.68 -0.87 -8.68
C ILE B 55 34.78 0.34 -7.76
N ILE B 56 34.17 1.46 -8.16
CA ILE B 56 34.17 2.64 -7.30
C ILE B 56 33.47 2.34 -5.99
N HIS B 57 32.33 1.64 -6.06
CA HIS B 57 31.57 1.28 -4.86
C HIS B 57 32.20 0.07 -4.18
N THR B 181 20.26 -16.64 -15.39
CA THR B 181 20.93 -15.35 -15.50
C THR B 181 20.07 -14.36 -16.29
N THR B 182 19.19 -14.89 -17.13
CA THR B 182 18.31 -14.04 -17.92
C THR B 182 17.41 -13.21 -17.01
N GLY B 183 16.98 -12.06 -17.53
CA GLY B 183 16.13 -11.15 -16.77
C GLY B 183 16.68 -9.73 -16.77
N ILE B 184 16.54 -9.05 -15.64
CA ILE B 184 17.04 -7.68 -15.46
C ILE B 184 18.03 -7.66 -14.32
N VAL B 185 19.10 -6.90 -14.49
CA VAL B 185 20.16 -6.78 -13.49
C VAL B 185 19.93 -5.52 -12.67
N GLU B 186 20.05 -5.64 -11.35
CA GLU B 186 19.89 -4.53 -10.43
C GLU B 186 21.22 -4.30 -9.73
N THR B 187 21.75 -3.08 -9.86
CA THR B 187 23.04 -2.71 -9.30
C THR B 187 22.82 -1.66 -8.21
N HIS B 188 23.42 -1.90 -7.04
CA HIS B 188 23.33 -0.98 -5.91
C HIS B 188 24.69 -0.35 -5.67
N PHE B 189 24.70 0.98 -5.54
CA PHE B 189 25.94 1.70 -5.25
C PHE B 189 25.58 3.00 -4.53
N THR B 190 26.59 3.57 -3.88
CA THR B 190 26.43 4.80 -3.12
C THR B 190 27.55 5.77 -3.47
N PHE B 191 27.20 7.05 -3.59
CA PHE B 191 28.18 8.08 -3.92
C PHE B 191 27.80 9.36 -3.20
N LYS B 192 28.74 9.89 -2.42
CA LYS B 192 28.53 11.11 -1.65
C LYS B 192 27.32 10.97 -0.72
N ASP B 193 27.27 9.85 -0.01
CA ASP B 193 26.22 9.55 0.97
C ASP B 193 24.84 9.43 0.34
N LEU B 194 24.76 9.32 -0.99
CA LEU B 194 23.49 9.18 -1.69
C LEU B 194 23.40 7.79 -2.30
N HIS B 195 22.34 7.06 -1.96
CA HIS B 195 22.16 5.69 -2.42
C HIS B 195 21.47 5.69 -3.77
N PHE B 196 21.92 4.80 -4.66
CA PHE B 196 21.38 4.69 -6.01
C PHE B 196 20.97 3.25 -6.28
N LYS B 197 19.92 3.10 -7.10
CA LYS B 197 19.44 1.80 -7.55
C LYS B 197 19.34 1.84 -9.07
N MET B 198 20.25 1.12 -9.74
CA MET B 198 20.31 1.09 -11.19
C MET B 198 19.76 -0.24 -11.68
N PHE B 199 18.82 -0.17 -12.62
CA PHE B 199 18.19 -1.35 -13.20
C PHE B 199 18.58 -1.44 -14.67
N ASP B 200 19.05 -2.61 -15.09
CA ASP B 200 19.44 -2.86 -16.48
C ASP B 200 18.42 -3.80 -17.11
N VAL B 201 17.78 -3.35 -18.18
CA VAL B 201 16.76 -4.11 -18.87
C VAL B 201 17.18 -4.47 -20.28
N GLY B 202 18.47 -4.38 -20.59
CA GLY B 202 18.93 -4.71 -21.93
C GLY B 202 18.68 -6.16 -22.30
N ALA B 203 18.89 -7.07 -21.35
CA ALA B 203 18.69 -8.49 -21.61
C ALA B 203 17.21 -8.83 -21.81
N GLN B 204 16.29 -7.96 -21.39
CA GLN B 204 14.87 -8.20 -21.54
C GLN B 204 14.49 -7.93 -23.00
N ARG B 205 14.67 -8.96 -23.83
CA ARG B 205 14.41 -8.85 -25.26
C ARG B 205 12.95 -9.14 -25.57
N SER B 206 12.05 -8.34 -25.02
CA SER B 206 10.61 -8.49 -25.25
C SER B 206 10.01 -7.12 -25.52
N GLU B 207 8.70 -7.12 -25.81
CA GLU B 207 7.99 -5.88 -26.09
C GLU B 207 8.04 -4.97 -24.87
N ARG B 208 8.64 -3.78 -25.04
CA ARG B 208 8.86 -2.91 -23.88
C ARG B 208 7.61 -2.12 -23.51
N LYS B 209 6.77 -1.79 -24.49
CA LYS B 209 5.61 -0.95 -24.20
C LYS B 209 4.60 -1.63 -23.27
N LYS B 210 4.76 -2.92 -23.00
CA LYS B 210 3.86 -3.64 -22.11
C LYS B 210 4.37 -3.73 -20.69
N TRP B 211 5.66 -3.44 -20.46
CA TRP B 211 6.22 -3.43 -19.12
C TRP B 211 7.07 -2.21 -18.81
N ILE B 212 7.34 -1.35 -19.80
CA ILE B 212 8.10 -0.13 -19.53
C ILE B 212 7.36 0.79 -18.57
N HIS B 213 6.03 0.70 -18.54
CA HIS B 213 5.24 1.54 -17.64
C HIS B 213 5.51 1.25 -16.17
N CYS B 214 6.16 0.14 -15.85
CA CYS B 214 6.48 -0.16 -14.46
C CYS B 214 7.48 0.84 -13.89
N PHE B 215 8.33 1.41 -14.74
CA PHE B 215 9.33 2.38 -14.32
C PHE B 215 8.83 3.81 -14.38
N GLU B 216 7.52 4.02 -14.32
CA GLU B 216 6.98 5.38 -14.38
C GLU B 216 7.55 6.26 -13.27
N GLY B 217 7.71 5.71 -12.07
CA GLY B 217 8.24 6.45 -10.95
C GLY B 217 9.74 6.55 -10.89
N VAL B 218 10.43 6.15 -11.95
CA VAL B 218 11.89 6.22 -11.96
C VAL B 218 12.33 7.67 -11.86
N THR B 219 13.52 7.89 -11.28
CA THR B 219 14.03 9.24 -11.11
C THR B 219 14.65 9.76 -12.39
N ALA B 220 15.54 8.97 -12.99
CA ALA B 220 16.23 9.39 -14.21
C ALA B 220 16.46 8.16 -15.09
N ILE B 221 16.96 8.40 -16.29
CA ILE B 221 17.24 7.35 -17.26
C ILE B 221 18.66 7.55 -17.78
N ILE B 222 19.46 6.48 -17.71
CA ILE B 222 20.82 6.50 -18.23
C ILE B 222 20.80 5.88 -19.63
N PHE B 223 21.04 6.71 -20.64
CA PHE B 223 21.00 6.28 -22.04
C PHE B 223 22.40 6.37 -22.61
N CYS B 224 22.97 5.22 -22.96
CA CYS B 224 24.32 5.14 -23.52
C CYS B 224 24.21 4.80 -25.01
N VAL B 225 24.99 5.50 -25.83
CA VAL B 225 24.99 5.29 -27.28
C VAL B 225 26.44 5.22 -27.75
N ALA B 226 26.69 4.36 -28.74
CA ALA B 226 28.02 4.18 -29.30
C ALA B 226 28.29 5.29 -30.31
N LEU B 227 29.16 6.22 -29.91
CA LEU B 227 29.47 7.36 -30.78
C LEU B 227 30.31 6.94 -31.98
N SER B 228 31.31 6.09 -31.75
CA SER B 228 32.22 5.68 -32.80
C SER B 228 31.57 4.75 -33.81
N ASP B 229 30.36 4.27 -33.56
CA ASP B 229 29.68 3.34 -34.46
C ASP B 229 28.88 4.06 -35.54
N TYR B 230 29.23 5.31 -35.88
CA TYR B 230 28.47 6.05 -36.88
C TYR B 230 28.50 5.36 -38.23
N ASP B 231 29.62 4.73 -38.57
CA ASP B 231 29.80 4.11 -39.87
C ASP B 231 29.66 2.58 -39.83
N LEU B 232 29.28 2.02 -38.68
CA LEU B 232 29.08 0.58 -38.57
C LEU B 232 27.67 0.21 -39.03
N VAL B 233 27.53 -1.03 -39.50
CA VAL B 233 26.27 -1.55 -40.04
C VAL B 233 25.70 -2.54 -39.04
N LEU B 234 24.36 -2.56 -38.96
CA LEU B 234 23.64 -3.47 -38.07
C LEU B 234 22.88 -4.48 -38.92
N ALA B 235 23.08 -5.76 -38.64
CA ALA B 235 22.40 -6.83 -39.37
C ALA B 235 20.90 -6.78 -39.13
N GLU B 239 17.00 0.31 -37.92
CA GLU B 239 17.59 0.85 -39.14
C GLU B 239 18.93 0.18 -39.43
N MET B 240 19.32 0.14 -40.71
CA MET B 240 20.56 -0.51 -41.10
C MET B 240 21.76 0.12 -40.40
N ASN B 241 21.66 1.40 -40.03
CA ASN B 241 22.73 2.11 -39.35
C ASN B 241 22.47 2.10 -37.85
N ARG B 242 23.55 1.94 -37.07
CA ARG B 242 23.39 1.85 -35.62
C ARG B 242 22.99 3.19 -35.00
N MET B 243 23.55 4.30 -35.51
CA MET B 243 23.21 5.60 -34.93
C MET B 243 21.74 5.94 -35.16
N HIS B 244 21.21 5.60 -36.33
CA HIS B 244 19.80 5.86 -36.60
C HIS B 244 18.90 5.04 -35.68
N ALA B 245 19.24 3.77 -35.45
CA ALA B 245 18.46 2.95 -34.54
C ALA B 245 18.54 3.50 -33.12
N SER B 246 19.73 3.95 -32.70
CA SER B 246 19.86 4.53 -31.37
C SER B 246 19.02 5.79 -31.24
N MET B 247 19.01 6.64 -32.28
CA MET B 247 18.18 7.83 -32.23
C MET B 247 16.70 7.49 -32.18
N LYS B 248 16.29 6.46 -32.94
CA LYS B 248 14.90 6.03 -32.89
C LYS B 248 14.51 5.54 -31.50
N LEU B 249 15.38 4.74 -30.89
CA LEU B 249 15.11 4.26 -29.53
C LEU B 249 15.05 5.42 -28.54
N PHE B 250 15.96 6.39 -28.68
CA PHE B 250 15.97 7.54 -27.78
C PHE B 250 14.70 8.36 -27.94
N ASP B 251 14.22 8.52 -29.17
CA ASP B 251 12.98 9.24 -29.40
C ASP B 251 11.79 8.49 -28.82
N SER B 252 11.78 7.16 -28.97
CA SER B 252 10.68 6.37 -28.43
C SER B 252 10.66 6.42 -26.90
N ILE B 253 11.84 6.46 -26.27
CA ILE B 253 11.89 6.44 -24.82
C ILE B 253 11.62 7.83 -24.23
N CYS B 254 12.20 8.87 -24.84
CA CYS B 254 12.05 10.21 -24.28
C CYS B 254 10.63 10.74 -24.46
N ASN B 255 10.07 10.59 -25.65
CA ASN B 255 8.71 11.05 -25.95
C ASN B 255 7.65 10.06 -25.49
N ASN B 256 8.03 9.09 -24.65
CA ASN B 256 7.06 8.11 -24.15
C ASN B 256 6.07 8.79 -23.22
N LYS B 257 4.83 8.29 -23.20
CA LYS B 257 3.79 8.89 -22.39
C LYS B 257 4.06 8.75 -20.90
N TRP B 258 4.89 7.79 -20.49
CA TRP B 258 5.19 7.58 -19.07
C TRP B 258 6.40 8.37 -18.61
N PHE B 259 7.28 8.77 -19.53
CA PHE B 259 8.49 9.51 -19.20
C PHE B 259 8.39 10.98 -19.61
N THR B 260 7.20 11.57 -19.48
CA THR B 260 7.03 12.96 -19.89
C THR B 260 7.89 13.90 -19.05
N ASP B 261 8.15 13.54 -17.79
CA ASP B 261 8.94 14.37 -16.89
C ASP B 261 10.23 13.70 -16.44
N THR B 262 10.46 12.44 -16.80
CA THR B 262 11.66 11.74 -16.39
C THR B 262 12.86 12.26 -17.18
N SER B 263 13.86 12.78 -16.46
CA SER B 263 15.06 13.30 -17.10
C SER B 263 15.92 12.14 -17.61
N ILE B 264 16.67 12.41 -18.67
CA ILE B 264 17.54 11.43 -19.31
C ILE B 264 18.97 11.95 -19.27
N ILE B 265 19.91 11.05 -18.98
CA ILE B 265 21.34 11.35 -18.96
C ILE B 265 21.98 10.61 -20.12
N LEU B 266 22.70 11.35 -20.97
CA LEU B 266 23.29 10.81 -22.18
C LEU B 266 24.80 10.70 -22.00
N PHE B 267 25.36 9.55 -22.38
CA PHE B 267 26.80 9.29 -22.28
C PHE B 267 27.31 8.82 -23.63
N LEU B 268 28.48 9.32 -24.02
CA LEU B 268 29.17 8.88 -25.23
C LEU B 268 30.40 8.11 -24.79
N ASN B 269 30.25 6.79 -24.67
CA ASN B 269 31.31 5.94 -24.13
C ASN B 269 32.34 5.54 -25.17
N LYS B 270 32.31 6.12 -26.38
CA LYS B 270 33.24 5.79 -27.45
C LYS B 270 33.77 7.05 -28.11
N LYS B 271 34.18 8.02 -27.31
CA LYS B 271 34.71 9.25 -27.88
C LYS B 271 36.16 9.07 -28.35
N ASP B 272 36.93 8.24 -27.64
CA ASP B 272 38.32 7.99 -28.05
C ASP B 272 38.36 7.25 -29.38
N LEU B 273 37.55 6.20 -29.53
CA LEU B 273 37.48 5.51 -30.81
C LEU B 273 36.97 6.43 -31.90
N PHE B 274 36.03 7.32 -31.57
CA PHE B 274 35.53 8.28 -32.55
C PHE B 274 36.65 9.20 -33.01
N GLU B 275 37.47 9.69 -32.08
CA GLU B 275 38.60 10.55 -32.46
C GLU B 275 39.62 9.78 -33.30
N GLU B 276 39.87 8.51 -32.95
CA GLU B 276 40.85 7.74 -33.69
C GLU B 276 40.36 7.39 -35.09
N LYS B 277 39.03 7.29 -35.27
CA LYS B 277 38.49 6.87 -36.56
C LYS B 277 38.20 8.06 -37.47
N ILE B 278 37.78 9.19 -36.91
CA ILE B 278 37.42 10.34 -37.73
C ILE B 278 38.62 10.82 -38.55
N LYS B 279 39.83 10.61 -38.04
CA LYS B 279 41.02 11.04 -38.77
C LYS B 279 41.14 10.32 -40.10
N LYS B 280 40.63 9.09 -40.19
CA LYS B 280 40.70 8.29 -41.40
C LYS B 280 39.36 8.22 -42.11
N SER B 281 38.30 7.80 -41.41
CA SER B 281 36.98 7.67 -42.02
C SER B 281 36.19 8.95 -41.82
N PRO B 282 35.70 9.60 -42.88
CA PRO B 282 34.93 10.83 -42.69
C PRO B 282 33.55 10.55 -42.12
N LEU B 283 32.93 11.60 -41.57
CA LEU B 283 31.61 11.49 -40.98
C LEU B 283 30.50 11.60 -42.01
N THR B 284 30.80 12.12 -43.21
CA THR B 284 29.76 12.29 -44.23
C THR B 284 29.12 10.97 -44.61
N ILE B 285 29.79 9.83 -44.39
CA ILE B 285 29.22 8.54 -44.75
C ILE B 285 27.95 8.29 -43.95
N CYS B 286 27.90 8.78 -42.71
CA CYS B 286 26.73 8.59 -41.86
C CYS B 286 25.69 9.69 -42.04
N TYR B 287 26.13 10.95 -42.10
CA TYR B 287 25.25 12.10 -42.27
C TYR B 287 25.64 12.82 -43.55
N PRO B 288 25.07 12.44 -44.69
CA PRO B 288 25.42 13.14 -45.95
C PRO B 288 25.20 14.64 -45.90
N GLU B 289 24.10 15.08 -45.29
CA GLU B 289 23.83 16.52 -45.21
C GLU B 289 24.90 17.27 -44.45
N TYR B 290 25.67 16.59 -43.60
CA TYR B 290 26.72 17.25 -42.84
C TYR B 290 27.77 17.82 -43.79
N ALA B 291 28.10 19.11 -43.61
CA ALA B 291 29.09 19.78 -44.43
C ALA B 291 30.10 20.57 -43.62
N GLY B 292 30.09 20.46 -42.30
CA GLY B 292 31.04 21.17 -41.46
C GLY B 292 32.45 20.63 -41.61
N SER B 293 33.34 21.18 -40.79
CA SER B 293 34.74 20.77 -40.82
C SER B 293 34.88 19.32 -40.34
N ASN B 294 35.97 18.68 -40.78
CA ASN B 294 36.23 17.30 -40.41
C ASN B 294 36.82 17.16 -39.01
N THR B 295 37.11 18.27 -38.34
CA THR B 295 37.68 18.21 -37.00
C THR B 295 36.72 17.49 -36.05
N TYR B 296 37.26 17.11 -34.89
CA TYR B 296 36.48 16.34 -33.92
C TYR B 296 35.50 17.24 -33.17
N GLU B 297 35.89 18.49 -32.89
CA GLU B 297 35.04 19.37 -32.10
C GLU B 297 33.72 19.64 -32.84
N GLU B 298 33.80 20.00 -34.11
CA GLU B 298 32.60 20.30 -34.88
C GLU B 298 31.70 19.07 -35.00
N ALA B 299 32.30 17.91 -35.23
CA ALA B 299 31.53 16.67 -35.35
C ALA B 299 30.81 16.36 -34.05
N ALA B 300 31.52 16.47 -32.92
CA ALA B 300 30.90 16.20 -31.63
C ALA B 300 29.77 17.18 -31.35
N ALA B 301 29.98 18.46 -31.66
CA ALA B 301 28.93 19.45 -31.45
C ALA B 301 27.71 19.14 -32.31
N TYR B 302 27.94 18.76 -33.56
CA TYR B 302 26.83 18.43 -34.45
C TYR B 302 26.05 17.22 -33.95
N ILE B 303 26.77 16.19 -33.49
CA ILE B 303 26.09 15.00 -32.98
C ILE B 303 25.31 15.34 -31.72
N GLN B 304 25.88 16.17 -30.84
CA GLN B 304 25.17 16.57 -29.63
C GLN B 304 23.91 17.34 -29.97
N CYS B 305 24.00 18.29 -30.90
CA CYS B 305 22.83 19.05 -31.30
C CYS B 305 21.77 18.16 -31.92
N GLN B 306 22.20 17.20 -32.76
CA GLN B 306 21.24 16.30 -33.39
C GLN B 306 20.53 15.44 -32.35
N PHE B 307 21.26 14.93 -31.37
CA PHE B 307 20.63 14.09 -30.35
C PHE B 307 19.74 14.92 -29.43
N GLU B 308 20.10 16.18 -29.18
CA GLU B 308 19.31 17.01 -28.28
C GLU B 308 18.01 17.46 -28.93
N ASP B 309 18.03 17.71 -30.25
CA ASP B 309 16.83 18.18 -30.93
C ASP B 309 15.67 17.18 -30.87
N LEU B 310 15.95 15.92 -30.55
CA LEU B 310 14.89 14.91 -30.48
C LEU B 310 13.97 15.12 -29.28
N ASN B 311 14.38 15.93 -28.30
CA ASN B 311 13.57 16.17 -27.11
C ASN B 311 12.42 17.12 -27.47
N LYS B 312 11.25 16.55 -27.75
CA LYS B 312 10.07 17.34 -28.07
C LYS B 312 9.34 17.84 -26.83
N ARG B 313 9.88 17.66 -25.63
CA ARG B 313 9.25 18.08 -24.39
C ARG B 313 10.22 18.89 -23.55
N LYS B 314 10.92 19.84 -24.18
CA LYS B 314 11.91 20.64 -23.45
C LYS B 314 11.27 21.44 -22.32
N ASP B 315 9.98 21.77 -22.44
CA ASP B 315 9.34 22.60 -21.43
C ASP B 315 9.20 21.87 -20.11
N THR B 316 9.07 20.54 -20.12
CA THR B 316 8.86 19.76 -18.92
C THR B 316 10.07 18.93 -18.50
N LYS B 317 10.95 18.58 -19.41
CA LYS B 317 12.11 17.75 -19.10
C LYS B 317 13.34 18.28 -19.83
N GLU B 318 14.51 17.93 -19.30
CA GLU B 318 15.79 18.35 -19.87
C GLU B 318 16.70 17.14 -19.97
N ILE B 319 17.68 17.23 -20.87
CA ILE B 319 18.66 16.18 -21.09
C ILE B 319 20.00 16.64 -20.56
N TYR B 320 20.69 15.75 -19.84
CA TYR B 320 22.01 16.02 -19.29
C TYR B 320 23.04 15.24 -20.11
N THR B 321 23.73 15.93 -21.00
CA THR B 321 24.70 15.31 -21.89
C THR B 321 26.09 15.41 -21.29
N HIS B 322 26.87 14.34 -21.43
CA HIS B 322 28.24 14.30 -20.93
C HIS B 322 29.04 13.29 -21.74
N PHE B 323 30.31 13.63 -21.99
CA PHE B 323 31.20 12.76 -22.75
C PHE B 323 32.01 11.90 -21.80
N THR B 324 31.86 10.58 -21.91
CA THR B 324 32.57 9.65 -21.05
C THR B 324 33.99 9.45 -21.56
N CYS B 325 34.93 9.28 -20.62
CA CYS B 325 36.33 9.07 -20.96
C CYS B 325 36.92 7.96 -20.10
N SER B 326 38.24 7.80 -20.17
CA SER B 326 38.90 6.80 -19.33
C SER B 326 38.63 7.07 -17.85
N THR B 327 38.56 8.33 -17.46
CA THR B 327 38.25 8.68 -16.08
C THR B 327 36.83 8.25 -15.74
N ASP B 328 36.67 7.61 -14.58
CA ASP B 328 35.38 7.11 -14.14
C ASP B 328 34.71 7.99 -13.10
N THR B 329 35.49 8.70 -12.28
CA THR B 329 34.88 9.56 -11.26
C THR B 329 34.06 10.68 -11.89
N LYS B 330 34.46 11.17 -13.07
CA LYS B 330 33.74 12.27 -13.70
C LYS B 330 32.30 11.86 -14.04
N ASN B 331 32.12 10.66 -14.58
CA ASN B 331 30.77 10.20 -14.93
C ASN B 331 29.92 10.07 -13.66
N VAL B 332 30.48 9.52 -12.59
CA VAL B 332 29.71 9.36 -11.36
C VAL B 332 29.34 10.72 -10.80
N GLN B 333 30.26 11.69 -10.87
CA GLN B 333 29.95 13.03 -10.36
C GLN B 333 28.87 13.69 -11.20
N PHE B 334 28.91 13.50 -12.52
CA PHE B 334 27.87 14.06 -13.38
C PHE B 334 26.51 13.43 -13.08
N VAL B 335 26.48 12.11 -12.87
CA VAL B 335 25.24 11.44 -12.51
C VAL B 335 24.73 11.98 -11.18
N PHE B 336 25.63 12.19 -10.23
CA PHE B 336 25.23 12.71 -8.93
C PHE B 336 24.63 14.11 -9.07
N ASP B 337 25.24 14.95 -9.89
CA ASP B 337 24.73 16.30 -10.09
C ASP B 337 23.36 16.27 -10.75
N ALA B 338 23.18 15.42 -11.76
CA ALA B 338 21.89 15.32 -12.43
C ALA B 338 20.82 14.82 -11.47
N VAL B 339 21.16 13.82 -10.65
CA VAL B 339 20.20 13.30 -9.69
C VAL B 339 19.87 14.34 -8.63
N THR B 340 20.85 15.15 -8.23
CA THR B 340 20.59 16.21 -7.27
C THR B 340 19.64 17.25 -7.87
N ASP B 341 19.85 17.63 -9.14
CA ASP B 341 18.94 18.56 -9.78
C ASP B 341 17.53 17.99 -9.86
N VAL B 342 17.41 16.70 -10.22
CA VAL B 342 16.10 16.09 -10.32
C VAL B 342 15.42 16.04 -8.95
N ILE B 343 16.19 15.75 -7.90
CA ILE B 343 15.62 15.68 -6.56
C ILE B 343 15.16 17.07 -6.12
N ILE B 344 15.94 18.10 -6.44
CA ILE B 344 15.53 19.46 -6.12
C ILE B 344 14.23 19.80 -6.82
N LYS B 345 14.14 19.47 -8.11
CA LYS B 345 12.90 19.74 -8.85
C LYS B 345 11.73 19.02 -8.23
N ASN B 346 11.90 17.73 -7.90
CA ASN B 346 10.81 16.96 -7.32
C ASN B 346 10.38 17.55 -5.97
N ASN B 347 11.34 17.88 -5.12
CA ASN B 347 11.00 18.47 -3.81
C ASN B 347 10.27 19.79 -3.99
N LEU B 348 10.68 20.60 -4.96
CA LEU B 348 9.99 21.87 -5.19
C LEU B 348 8.58 21.65 -5.73
N LYS B 349 8.38 20.59 -6.50
CA LYS B 349 7.03 20.30 -7.00
C LYS B 349 6.15 19.71 -5.90
N ASP B 350 6.73 18.93 -5.00
CA ASP B 350 5.94 18.28 -3.96
C ASP B 350 5.28 19.29 -3.03
N CYS B 351 5.96 20.39 -2.75
CA CYS B 351 5.45 21.41 -1.82
C CYS B 351 4.63 22.49 -2.54
N GLY B 352 4.38 22.34 -3.84
CA GLY B 352 3.57 23.26 -4.58
C GLY B 352 4.31 24.42 -5.21
N LEU B 353 5.58 24.62 -4.86
CA LEU B 353 6.33 25.72 -5.45
C LEU B 353 6.39 25.60 -6.98
N PHE B 354 6.86 24.46 -7.48
CA PHE B 354 6.88 24.20 -8.91
C PHE B 354 5.61 23.47 -9.34
N LEU C 9 8.15 -24.12 -50.37
CA LEU C 9 7.70 -22.99 -49.49
C LEU C 9 6.40 -22.39 -50.03
N ASP C 10 6.31 -22.27 -51.35
CA ASP C 10 5.10 -21.72 -51.96
C ASP C 10 3.91 -22.65 -51.78
N GLN C 11 4.10 -23.94 -52.02
CA GLN C 11 3.01 -24.90 -51.85
C GLN C 11 2.54 -24.94 -50.40
N LEU C 12 3.47 -24.87 -49.45
CA LEU C 12 3.08 -24.86 -48.05
C LEU C 12 2.25 -23.62 -47.70
N ARG C 13 2.66 -22.46 -48.22
CA ARG C 13 1.91 -21.24 -47.97
C ARG C 13 0.52 -21.31 -48.59
N GLN C 14 0.42 -21.86 -49.80
CA GLN C 14 -0.87 -22.01 -50.43
C GLN C 14 -1.77 -22.95 -49.64
N GLU C 15 -1.20 -24.05 -49.13
CA GLU C 15 -1.98 -24.98 -48.31
C GLU C 15 -2.45 -24.31 -47.03
N ALA C 16 -1.57 -23.51 -46.41
CA ALA C 16 -1.96 -22.79 -45.20
C ALA C 16 -3.09 -21.82 -45.47
N GLU C 17 -3.01 -21.09 -46.59
CA GLU C 17 -4.07 -20.16 -46.94
C GLU C 17 -5.38 -20.90 -47.20
N GLN C 18 -5.31 -22.04 -47.89
CA GLN C 18 -6.51 -22.82 -48.16
C GLN C 18 -7.13 -23.32 -46.86
N LEU C 19 -6.30 -23.79 -45.92
CA LEU C 19 -6.83 -24.25 -44.64
C LEU C 19 -7.45 -23.11 -43.85
N LYS C 20 -6.83 -21.92 -43.89
CA LYS C 20 -7.41 -20.77 -43.21
C LYS C 20 -8.76 -20.40 -43.81
N ASN C 21 -8.85 -20.40 -45.14
CA ASN C 21 -10.13 -20.09 -45.78
C ASN C 21 -11.19 -21.14 -45.44
N GLN C 22 -10.80 -22.41 -45.41
CA GLN C 22 -11.76 -23.46 -45.05
C GLN C 22 -12.25 -23.28 -43.61
N ILE C 23 -11.33 -22.96 -42.69
CA ILE C 23 -11.72 -22.75 -41.31
C ILE C 23 -12.65 -21.54 -41.20
N ARG C 24 -12.35 -20.47 -41.94
CA ARG C 24 -13.21 -19.30 -41.91
C ARG C 24 -14.61 -19.64 -42.42
N ASP C 25 -14.68 -20.37 -43.53
CA ASP C 25 -15.98 -20.74 -44.09
C ASP C 25 -16.76 -21.62 -43.11
N ALA C 26 -16.07 -22.56 -42.46
CA ALA C 26 -16.73 -23.42 -41.49
C ALA C 26 -17.27 -22.61 -40.31
N ARG C 27 -16.46 -21.69 -39.79
CA ARG C 27 -16.91 -20.87 -38.68
C ARG C 27 -18.09 -20.00 -39.09
N LYS C 28 -18.08 -19.47 -40.31
CA LYS C 28 -19.18 -18.65 -40.78
C LYS C 28 -20.46 -19.47 -40.96
N ALA C 29 -20.33 -20.71 -41.42
CA ALA C 29 -21.50 -21.55 -41.65
C ALA C 29 -22.25 -21.83 -40.35
N CYS C 30 -21.54 -21.92 -39.22
CA CYS C 30 -22.18 -22.19 -37.95
C CYS C 30 -22.87 -20.98 -37.36
N ALA C 31 -22.61 -19.78 -37.89
CA ALA C 31 -23.21 -18.55 -37.39
C ALA C 31 -24.65 -18.46 -37.90
N ASP C 32 -25.49 -19.35 -37.37
CA ASP C 32 -26.90 -19.36 -37.75
C ASP C 32 -27.65 -18.18 -37.14
N ALA C 33 -27.36 -17.85 -35.89
CA ALA C 33 -28.01 -16.74 -35.21
C ALA C 33 -27.05 -16.14 -34.19
N THR C 34 -27.17 -14.83 -34.00
CA THR C 34 -26.32 -14.12 -33.06
C THR C 34 -26.91 -14.16 -31.65
N LEU C 35 -26.04 -14.01 -30.65
CA LEU C 35 -26.48 -14.04 -29.27
C LEU C 35 -27.48 -12.91 -28.98
N SER C 36 -27.25 -11.74 -29.56
CA SER C 36 -28.12 -10.59 -29.30
C SER C 36 -29.54 -10.88 -29.74
N GLN C 37 -29.72 -11.51 -30.91
CA GLN C 37 -31.06 -11.79 -31.40
C GLN C 37 -31.80 -12.77 -30.51
N ILE C 38 -31.08 -13.67 -29.83
CA ILE C 38 -31.71 -14.65 -28.96
C ILE C 38 -31.97 -14.08 -27.57
N THR C 39 -31.05 -13.25 -27.07
CA THR C 39 -31.19 -12.66 -25.75
C THR C 39 -32.16 -11.48 -25.73
N ASN C 40 -32.67 -11.05 -26.88
CA ASN C 40 -33.61 -9.93 -26.91
C ASN C 40 -34.97 -10.31 -26.35
N ASN C 41 -35.27 -11.61 -26.22
CA ASN C 41 -36.56 -12.05 -25.75
C ASN C 41 -36.71 -12.00 -24.23
N ILE C 42 -35.64 -11.64 -23.51
CA ILE C 42 -35.68 -11.56 -22.06
C ILE C 42 -35.48 -10.11 -21.64
N ASP C 43 -36.05 -9.75 -20.50
CA ASP C 43 -35.95 -8.37 -20.02
C ASP C 43 -34.50 -8.05 -19.67
N PRO C 44 -34.09 -6.78 -19.74
CA PRO C 44 -32.72 -6.43 -19.40
C PRO C 44 -32.50 -6.41 -17.89
N VAL C 45 -31.23 -6.43 -17.50
CA VAL C 45 -30.85 -6.36 -16.09
C VAL C 45 -30.89 -4.92 -15.64
N GLY C 46 -31.35 -4.69 -14.42
CA GLY C 46 -31.42 -3.33 -13.90
C GLY C 46 -30.07 -2.79 -13.51
N ARG C 47 -30.06 -1.49 -13.17
CA ARG C 47 -28.85 -0.81 -12.76
C ARG C 47 -28.27 -1.46 -11.51
N ILE C 48 -27.05 -1.98 -11.62
CA ILE C 48 -26.40 -2.66 -10.50
C ILE C 48 -25.65 -1.61 -9.67
N GLN C 49 -26.04 -1.47 -8.41
CA GLN C 49 -25.42 -0.51 -7.50
C GLN C 49 -24.52 -1.27 -6.52
N MET C 50 -23.21 -1.11 -6.67
CA MET C 50 -22.23 -1.74 -5.79
C MET C 50 -21.53 -0.65 -4.98
N ARG C 51 -21.66 -0.72 -3.66
CA ARG C 51 -21.04 0.22 -2.76
C ARG C 51 -19.77 -0.39 -2.15
N THR C 52 -18.75 0.44 -2.01
CA THR C 52 -17.48 -0.02 -1.44
C THR C 52 -17.66 -0.30 0.05
N ARG C 53 -17.31 -1.52 0.46
CA ARG C 53 -17.43 -1.94 1.85
C ARG C 53 -16.11 -1.78 2.60
N ARG C 54 -15.05 -2.44 2.14
CA ARG C 54 -13.75 -2.38 2.77
C ARG C 54 -12.74 -1.75 1.82
N THR C 55 -11.80 -1.00 2.40
CA THR C 55 -10.70 -0.38 1.65
C THR C 55 -9.39 -0.90 2.22
N LEU C 56 -8.73 -1.78 1.46
CA LEU C 56 -7.51 -2.44 1.92
C LEU C 56 -6.34 -1.50 1.67
N ARG C 57 -5.83 -0.89 2.74
CA ARG C 57 -4.70 0.02 2.67
C ARG C 57 -3.46 -0.64 3.26
N GLY C 58 -2.29 -0.17 2.85
CA GLY C 58 -1.04 -0.73 3.33
C GLY C 58 0.02 -0.84 2.24
N HIS C 59 -0.41 -0.92 0.99
CA HIS C 59 0.53 -0.97 -0.13
C HIS C 59 1.04 0.44 -0.43
N LEU C 60 2.32 0.52 -0.81
CA LEU C 60 2.98 1.79 -1.09
C LEU C 60 3.33 1.96 -2.57
N ALA C 61 2.86 1.07 -3.44
CA ALA C 61 3.17 1.17 -4.86
C ALA C 61 1.97 0.65 -5.66
N LYS C 62 2.12 0.66 -6.98
CA LYS C 62 1.06 0.24 -7.87
C LYS C 62 0.69 -1.22 -7.63
N ILE C 63 -0.61 -1.49 -7.59
CA ILE C 63 -1.09 -2.88 -7.52
C ILE C 63 -1.12 -3.44 -8.94
N TYR C 64 -0.61 -4.66 -9.10
CA TYR C 64 -0.50 -5.29 -10.41
C TYR C 64 -1.26 -6.61 -10.52
N ALA C 65 -1.47 -7.33 -9.43
CA ALA C 65 -2.14 -8.62 -9.49
C ALA C 65 -2.70 -8.99 -8.12
N MET C 66 -3.80 -9.71 -8.15
CA MET C 66 -4.42 -10.22 -6.93
C MET C 66 -5.21 -11.48 -7.27
N HIS C 67 -5.43 -12.32 -6.26
CA HIS C 67 -6.15 -13.57 -6.45
C HIS C 67 -6.90 -13.92 -5.18
N TRP C 68 -8.12 -14.41 -5.35
CA TRP C 68 -8.96 -14.80 -4.23
C TRP C 68 -8.69 -16.25 -3.84
N GLY C 69 -8.73 -16.52 -2.53
CA GLY C 69 -8.60 -17.87 -2.04
C GLY C 69 -9.88 -18.67 -2.21
N THR C 70 -9.74 -19.99 -2.14
CA THR C 70 -10.90 -20.87 -2.27
C THR C 70 -11.92 -20.66 -1.16
N ASP C 71 -11.51 -20.11 -0.03
CA ASP C 71 -12.43 -19.85 1.08
C ASP C 71 -13.23 -18.57 0.89
N SER C 72 -13.00 -17.83 -0.20
CA SER C 72 -13.71 -16.59 -0.51
C SER C 72 -13.51 -15.51 0.54
N ARG C 73 -12.53 -15.68 1.44
CA ARG C 73 -12.23 -14.70 2.48
C ARG C 73 -10.83 -14.13 2.35
N LEU C 74 -9.82 -14.99 2.22
CA LEU C 74 -8.45 -14.52 2.09
C LEU C 74 -8.12 -14.23 0.63
N LEU C 75 -7.29 -13.21 0.43
CA LEU C 75 -6.85 -12.82 -0.90
C LEU C 75 -5.44 -12.27 -0.82
N VAL C 76 -4.63 -12.61 -1.81
CA VAL C 76 -3.25 -12.14 -1.90
C VAL C 76 -3.16 -11.10 -3.01
N SER C 77 -2.33 -10.08 -2.81
CA SER C 77 -2.15 -9.02 -3.79
C SER C 77 -0.67 -8.70 -3.91
N ALA C 78 -0.26 -8.31 -5.12
CA ALA C 78 1.12 -7.99 -5.42
C ALA C 78 1.24 -6.51 -5.78
N SER C 79 2.37 -5.91 -5.43
CA SER C 79 2.63 -4.51 -5.72
C SER C 79 4.08 -4.34 -6.13
N GLN C 80 4.35 -3.25 -6.86
CA GLN C 80 5.71 -2.98 -7.31
C GLN C 80 6.67 -2.68 -6.18
N ASP C 81 6.17 -2.45 -4.96
CA ASP C 81 7.04 -2.21 -3.82
C ASP C 81 7.74 -3.47 -3.34
N GLY C 82 7.33 -4.65 -3.83
CA GLY C 82 7.98 -5.88 -3.44
C GLY C 82 7.41 -6.53 -2.20
N LYS C 83 6.15 -6.30 -1.89
CA LYS C 83 5.52 -6.83 -0.68
C LYS C 83 4.21 -7.52 -1.05
N LEU C 84 4.15 -8.83 -0.82
CA LEU C 84 2.91 -9.57 -0.96
C LEU C 84 2.17 -9.60 0.36
N ILE C 85 0.90 -9.20 0.33
CA ILE C 85 0.08 -9.08 1.53
C ILE C 85 -1.16 -9.95 1.36
N ILE C 86 -1.38 -10.85 2.32
CA ILE C 86 -2.57 -11.69 2.37
C ILE C 86 -3.58 -11.00 3.29
N TRP C 87 -4.71 -10.59 2.73
CA TRP C 87 -5.69 -9.79 3.43
C TRP C 87 -6.86 -10.64 3.89
N ASP C 88 -7.36 -10.37 5.09
CA ASP C 88 -8.58 -10.98 5.59
C ASP C 88 -9.74 -10.05 5.24
N SER C 89 -10.47 -10.38 4.17
CA SER C 89 -11.49 -9.48 3.65
C SER C 89 -12.56 -9.16 4.68
N TYR C 90 -12.79 -10.04 5.66
CA TYR C 90 -13.85 -9.82 6.64
C TYR C 90 -13.40 -8.91 7.78
N THR C 91 -12.09 -8.72 7.97
CA THR C 91 -11.59 -7.87 9.03
C THR C 91 -10.51 -6.89 8.57
N THR C 92 -10.08 -6.97 7.30
CA THR C 92 -9.08 -6.07 6.75
C THR C 92 -7.73 -6.19 7.46
N ASN C 93 -7.46 -7.34 8.06
CA ASN C 93 -6.20 -7.58 8.76
C ASN C 93 -5.23 -8.32 7.86
N LYS C 94 -3.97 -7.88 7.87
CA LYS C 94 -2.93 -8.51 7.06
C LYS C 94 -2.53 -9.83 7.70
N VAL C 95 -2.74 -10.93 6.97
CA VAL C 95 -2.41 -12.25 7.53
C VAL C 95 -0.92 -12.51 7.42
N HIS C 96 -0.30 -12.09 6.32
CA HIS C 96 1.13 -12.30 6.13
C HIS C 96 1.68 -11.18 5.25
N ALA C 97 2.97 -10.88 5.45
CA ALA C 97 3.69 -9.91 4.63
C ALA C 97 5.00 -10.57 4.18
N ILE C 98 5.10 -10.84 2.88
CA ILE C 98 6.22 -11.56 2.30
C ILE C 98 7.12 -10.57 1.59
N PRO C 99 8.37 -10.37 2.02
CA PRO C 99 9.30 -9.50 1.27
C PRO C 99 9.85 -10.24 0.06
N LEU C 100 9.64 -9.66 -1.13
CA LEU C 100 10.09 -10.26 -2.37
C LEU C 100 11.52 -9.83 -2.67
N ARG C 101 12.33 -10.79 -3.14
CA ARG C 101 13.70 -10.47 -3.53
C ARG C 101 13.74 -9.52 -4.70
N SER C 102 12.77 -9.64 -5.62
CA SER C 102 12.64 -8.76 -6.76
C SER C 102 11.33 -8.00 -6.66
N SER C 103 11.42 -6.67 -6.50
CA SER C 103 10.24 -5.85 -6.32
C SER C 103 9.45 -5.65 -7.61
N TRP C 104 9.98 -6.08 -8.75
CA TRP C 104 9.29 -5.91 -10.02
C TRP C 104 8.36 -7.07 -10.29
N VAL C 105 7.42 -7.30 -9.38
CA VAL C 105 6.45 -8.39 -9.53
C VAL C 105 5.31 -7.90 -10.42
N MET C 106 4.81 -8.79 -11.29
CA MET C 106 3.72 -8.46 -12.19
C MET C 106 2.53 -9.41 -12.09
N THR C 107 2.69 -10.57 -11.47
CA THR C 107 1.60 -11.53 -11.34
C THR C 107 1.71 -12.25 -10.00
N CYS C 108 0.56 -12.74 -9.52
CA CYS C 108 0.52 -13.51 -8.28
C CYS C 108 -0.62 -14.51 -8.38
N ALA C 109 -0.51 -15.57 -7.58
CA ALA C 109 -1.52 -16.62 -7.56
C ALA C 109 -1.63 -17.18 -6.14
N TYR C 110 -2.80 -17.71 -5.84
CA TYR C 110 -3.09 -18.31 -4.54
C TYR C 110 -3.49 -19.77 -4.75
N ALA C 111 -2.73 -20.69 -4.16
CA ALA C 111 -2.99 -22.11 -4.35
C ALA C 111 -4.41 -22.46 -3.91
N PRO C 112 -5.05 -23.43 -4.56
CA PRO C 112 -6.40 -23.81 -4.13
C PRO C 112 -6.47 -24.27 -2.69
N SER C 113 -5.45 -25.00 -2.21
CA SER C 113 -5.46 -25.47 -0.84
C SER C 113 -5.04 -24.40 0.16
N GLY C 114 -4.59 -23.24 -0.32
CA GLY C 114 -4.18 -22.16 0.56
C GLY C 114 -2.84 -22.37 1.24
N ASN C 115 -2.06 -23.36 0.80
CA ASN C 115 -0.78 -23.65 1.44
C ASN C 115 0.40 -22.99 0.73
N TYR C 116 0.24 -22.57 -0.52
CA TYR C 116 1.32 -21.98 -1.29
C TYR C 116 0.81 -20.77 -2.05
N VAL C 117 1.71 -19.83 -2.30
CA VAL C 117 1.42 -18.64 -3.10
C VAL C 117 2.60 -18.39 -4.02
N ALA C 118 2.29 -18.10 -5.28
CA ALA C 118 3.29 -17.90 -6.32
C ALA C 118 3.19 -16.49 -6.90
N CYS C 119 4.29 -16.03 -7.46
CA CYS C 119 4.34 -14.71 -8.08
C CYS C 119 5.45 -14.70 -9.12
N GLY C 120 5.51 -13.62 -9.88
CA GLY C 120 6.52 -13.48 -10.92
C GLY C 120 6.50 -12.09 -11.50
N GLY C 121 7.42 -11.86 -12.43
CA GLY C 121 7.53 -10.57 -13.07
C GLY C 121 8.73 -10.46 -13.98
N LEU C 122 9.46 -9.35 -13.89
CA LEU C 122 10.63 -9.11 -14.71
C LEU C 122 11.85 -9.91 -14.27
N ASP C 123 11.74 -10.77 -13.26
CA ASP C 123 12.87 -11.57 -12.79
C ASP C 123 13.04 -12.86 -13.57
N ASN C 124 12.08 -13.24 -14.40
CA ASN C 124 12.14 -14.45 -15.21
C ASN C 124 12.26 -15.72 -14.35
N ILE C 125 11.87 -15.63 -13.08
CA ILE C 125 11.92 -16.76 -12.17
C ILE C 125 10.67 -16.72 -11.31
N CYS C 126 9.88 -17.79 -11.34
CA CYS C 126 8.66 -17.89 -10.54
C CYS C 126 9.02 -18.40 -9.15
N SER C 127 8.66 -17.62 -8.13
CA SER C 127 8.96 -17.96 -6.74
C SER C 127 7.73 -18.58 -6.10
N ILE C 128 7.89 -19.75 -5.52
CA ILE C 128 6.82 -20.48 -4.84
C ILE C 128 7.07 -20.36 -3.34
N TYR C 129 6.18 -19.66 -2.64
CA TYR C 129 6.30 -19.43 -1.21
C TYR C 129 5.34 -20.35 -0.45
N ASN C 130 5.84 -20.98 0.61
CA ASN C 130 5.03 -21.85 1.45
C ASN C 130 4.54 -21.08 2.67
N LEU C 131 3.24 -21.22 2.97
CA LEU C 131 2.64 -20.52 4.09
C LEU C 131 2.44 -21.37 5.32
N LYS C 132 2.37 -22.69 5.18
CA LYS C 132 2.14 -23.60 6.29
C LYS C 132 3.44 -24.23 6.79
N THR C 133 4.54 -23.51 6.69
CA THR C 133 5.82 -24.03 7.14
C THR C 133 5.82 -24.20 8.66
N ARG C 134 6.49 -25.25 9.13
CA ARG C 134 6.59 -25.47 10.57
C ARG C 134 7.42 -24.40 11.25
N GLU C 135 8.38 -23.80 10.54
CA GLU C 135 9.22 -22.77 11.14
C GLU C 135 8.42 -21.53 11.52
N GLY C 136 7.25 -21.33 10.91
CA GLY C 136 6.39 -20.21 11.23
C GLY C 136 6.66 -18.94 10.45
N ASN C 137 7.64 -18.94 9.56
CA ASN C 137 7.95 -17.79 8.72
C ASN C 137 7.83 -18.19 7.25
N VAL C 138 7.23 -17.31 6.45
CA VAL C 138 7.02 -17.60 5.04
C VAL C 138 8.38 -17.50 4.33
N ARG C 139 8.91 -18.64 3.90
CA ARG C 139 10.17 -18.72 3.19
C ARG C 139 9.94 -19.26 1.79
N VAL C 140 10.72 -18.77 0.83
CA VAL C 140 10.59 -19.22 -0.55
C VAL C 140 10.87 -20.72 -0.61
N SER C 141 9.92 -21.50 -1.13
CA SER C 141 10.09 -22.94 -1.21
C SER C 141 10.85 -23.34 -2.46
N ARG C 142 10.35 -22.96 -3.63
CA ARG C 142 10.97 -23.30 -4.89
C ARG C 142 11.08 -22.06 -5.76
N GLU C 143 12.06 -22.05 -6.66
CA GLU C 143 12.28 -20.95 -7.60
C GLU C 143 12.41 -21.56 -9.00
N LEU C 144 11.32 -21.54 -9.76
CA LEU C 144 11.29 -22.13 -11.09
C LEU C 144 12.01 -21.20 -12.06
N ALA C 145 13.16 -21.65 -12.56
CA ALA C 145 13.96 -20.87 -13.52
C ALA C 145 13.98 -21.59 -14.86
N GLY C 146 14.19 -20.82 -15.92
CA GLY C 146 14.23 -21.36 -17.26
C GLY C 146 13.57 -20.47 -18.29
N HIS C 147 12.73 -19.54 -17.83
CA HIS C 147 12.04 -18.64 -18.73
C HIS C 147 12.99 -17.53 -19.21
N THR C 148 12.98 -17.27 -20.51
CA THR C 148 13.79 -16.20 -21.08
C THR C 148 13.08 -14.86 -21.10
N GLY C 149 11.85 -14.79 -20.59
CA GLY C 149 11.11 -13.54 -20.56
C GLY C 149 10.40 -13.36 -19.23
N TYR C 150 9.82 -12.18 -19.06
CA TYR C 150 9.12 -11.85 -17.83
C TYR C 150 7.85 -12.71 -17.69
N LEU C 151 7.55 -13.06 -16.45
CA LEU C 151 6.36 -13.88 -16.16
C LEU C 151 5.12 -13.00 -16.25
N SER C 152 4.25 -13.30 -17.22
CA SER C 152 3.04 -12.49 -17.40
C SER C 152 1.94 -12.93 -16.44
N CYS C 153 1.73 -14.23 -16.30
CA CYS C 153 0.67 -14.74 -15.41
C CYS C 153 1.02 -16.16 -15.01
N CYS C 154 0.44 -16.58 -13.89
CA CYS C 154 0.66 -17.93 -13.36
C CYS C 154 -0.56 -18.34 -12.56
N ARG C 155 -0.88 -19.64 -12.63
CA ARG C 155 -2.01 -20.21 -11.91
C ARG C 155 -1.68 -21.62 -11.46
N PHE C 156 -2.16 -21.98 -10.27
CA PHE C 156 -1.90 -23.30 -9.70
C PHE C 156 -2.87 -24.30 -10.30
N LEU C 157 -2.37 -25.15 -11.21
CA LEU C 157 -3.19 -26.24 -11.72
C LEU C 157 -3.58 -27.20 -10.60
N ASP C 158 -2.61 -27.55 -9.76
CA ASP C 158 -2.85 -28.46 -8.64
C ASP C 158 -1.74 -28.24 -7.62
N ASP C 159 -1.94 -28.82 -6.43
CA ASP C 159 -0.93 -28.70 -5.39
C ASP C 159 0.43 -29.27 -5.81
N ASN C 160 0.44 -30.15 -6.80
CA ASN C 160 1.69 -30.79 -7.25
C ASN C 160 2.31 -30.06 -8.44
N GLN C 161 1.50 -29.70 -9.43
CA GLN C 161 1.97 -29.08 -10.66
C GLN C 161 1.44 -27.65 -10.76
N ILE C 162 2.16 -26.82 -11.50
CA ILE C 162 1.79 -25.42 -11.70
C ILE C 162 2.16 -25.03 -13.14
N VAL C 163 1.35 -24.15 -13.71
CA VAL C 163 1.57 -23.63 -15.06
C VAL C 163 1.95 -22.17 -14.95
N THR C 164 2.91 -21.75 -15.77
CA THR C 164 3.39 -20.37 -15.78
C THR C 164 3.51 -19.88 -17.21
N SER C 165 3.36 -18.56 -17.39
CA SER C 165 3.44 -17.91 -18.70
C SER C 165 4.52 -16.85 -18.65
N SER C 166 5.45 -16.91 -19.60
CA SER C 166 6.56 -15.97 -19.70
C SER C 166 6.39 -15.11 -20.94
N GLY C 167 7.21 -14.06 -21.01
CA GLY C 167 7.17 -13.14 -22.13
C GLY C 167 7.81 -13.65 -23.40
N ASP C 168 8.38 -14.86 -23.38
CA ASP C 168 9.03 -15.43 -24.55
C ASP C 168 8.05 -16.16 -25.48
N THR C 169 6.75 -15.89 -25.33
CA THR C 169 5.71 -16.43 -26.20
C THR C 169 5.51 -17.93 -26.01
N THR C 170 6.00 -18.51 -24.90
CA THR C 170 5.86 -19.93 -24.64
C THR C 170 5.57 -20.14 -23.16
N CYS C 171 4.57 -20.97 -22.88
CA CYS C 171 4.22 -21.34 -21.52
C CYS C 171 4.82 -22.70 -21.19
N ALA C 172 5.06 -22.93 -19.90
CA ALA C 172 5.68 -24.15 -19.43
C ALA C 172 4.98 -24.64 -18.17
N LEU C 173 4.77 -25.96 -18.10
CA LEU C 173 4.16 -26.60 -16.94
C LEU C 173 5.26 -27.17 -16.06
N TRP C 174 5.37 -26.68 -14.84
CA TRP C 174 6.43 -27.05 -13.91
C TRP C 174 5.85 -27.90 -12.78
N ASP C 175 6.58 -28.93 -12.38
CA ASP C 175 6.21 -29.77 -11.26
C ASP C 175 6.95 -29.31 -10.01
N ILE C 176 6.22 -29.09 -8.92
CA ILE C 176 6.82 -28.57 -7.70
C ILE C 176 7.84 -29.55 -7.14
N GLU C 177 7.45 -30.81 -6.99
CA GLU C 177 8.36 -31.80 -6.40
C GLU C 177 9.60 -32.00 -7.26
N THR C 178 9.49 -31.83 -8.57
CA THR C 178 10.62 -32.00 -9.48
C THR C 178 11.35 -30.69 -9.77
N GLY C 179 10.61 -29.66 -10.21
CA GLY C 179 11.21 -28.38 -10.51
C GLY C 179 11.64 -28.20 -11.96
N GLN C 180 11.38 -29.18 -12.82
CA GLN C 180 11.74 -29.12 -14.23
C GLN C 180 10.48 -29.09 -15.08
N GLN C 181 10.48 -28.23 -16.10
CA GLN C 181 9.32 -28.11 -16.97
C GLN C 181 9.09 -29.41 -17.74
N THR C 182 7.86 -29.92 -17.67
CA THR C 182 7.48 -31.15 -18.35
C THR C 182 6.79 -30.91 -19.67
N THR C 183 5.91 -29.92 -19.74
CA THR C 183 5.19 -29.58 -20.96
C THR C 183 5.49 -28.13 -21.33
N THR C 184 5.84 -27.92 -22.59
CA THR C 184 6.17 -26.59 -23.10
C THR C 184 5.18 -26.24 -24.21
N PHE C 185 4.35 -25.23 -23.97
CA PHE C 185 3.34 -24.80 -24.93
C PHE C 185 3.96 -23.74 -25.84
N THR C 186 4.11 -24.08 -27.12
CA THR C 186 4.67 -23.17 -28.11
C THR C 186 3.67 -22.98 -29.25
N GLY C 187 3.73 -21.80 -29.87
CA GLY C 187 2.87 -21.49 -30.99
C GLY C 187 2.39 -20.05 -31.01
N HIS C 188 2.51 -19.36 -29.88
CA HIS C 188 2.09 -17.97 -29.80
C HIS C 188 3.06 -17.08 -30.56
N THR C 189 2.52 -16.19 -31.38
CA THR C 189 3.36 -15.21 -32.08
C THR C 189 3.71 -14.04 -31.18
N GLY C 190 2.78 -13.60 -30.36
CA GLY C 190 3.01 -12.51 -29.42
C GLY C 190 3.21 -13.01 -27.99
N ASP C 191 3.62 -12.08 -27.14
CA ASP C 191 3.87 -12.42 -25.74
C ASP C 191 2.56 -12.74 -25.02
N VAL C 192 2.50 -13.92 -24.41
CA VAL C 192 1.31 -14.31 -23.65
C VAL C 192 1.17 -13.40 -22.45
N MET C 193 -0.02 -12.81 -22.28
CA MET C 193 -0.26 -11.81 -21.25
C MET C 193 -0.98 -12.33 -20.02
N SER C 194 -1.92 -13.25 -20.19
CA SER C 194 -2.72 -13.72 -19.06
C SER C 194 -3.16 -15.16 -19.31
N LEU C 195 -3.53 -15.83 -18.22
CA LEU C 195 -4.00 -17.20 -18.27
C LEU C 195 -5.29 -17.32 -17.47
N SER C 196 -6.05 -18.39 -17.76
CA SER C 196 -7.27 -18.69 -17.03
C SER C 196 -7.54 -20.18 -17.11
N LEU C 197 -7.74 -20.79 -15.95
CA LEU C 197 -7.94 -22.24 -15.86
C LEU C 197 -9.44 -22.56 -15.87
N ALA C 198 -9.78 -23.61 -16.60
CA ALA C 198 -11.17 -24.04 -16.66
C ALA C 198 -11.57 -24.72 -15.35
N PRO C 199 -12.87 -24.82 -15.07
CA PRO C 199 -13.31 -25.47 -13.82
C PRO C 199 -12.77 -26.87 -13.65
N ASP C 200 -12.64 -27.64 -14.74
CA ASP C 200 -12.15 -29.01 -14.65
C ASP C 200 -10.62 -29.09 -14.60
N THR C 201 -9.94 -27.97 -14.83
CA THR C 201 -8.47 -27.92 -14.82
C THR C 201 -7.86 -28.75 -15.94
N ARG C 202 -8.66 -29.14 -16.93
CA ARG C 202 -8.16 -29.92 -18.05
C ARG C 202 -7.75 -29.04 -19.22
N LEU C 203 -8.43 -27.92 -19.42
CA LEU C 203 -8.14 -27.00 -20.51
C LEU C 203 -7.97 -25.59 -19.95
N PHE C 204 -7.10 -24.82 -20.59
CA PHE C 204 -6.87 -23.43 -20.22
C PHE C 204 -6.61 -22.61 -21.48
N VAL C 205 -7.05 -21.36 -21.45
CA VAL C 205 -6.91 -20.43 -22.57
C VAL C 205 -5.87 -19.38 -22.19
N SER C 206 -5.17 -18.87 -23.20
CA SER C 206 -4.12 -17.90 -23.02
C SER C 206 -4.23 -16.81 -24.08
N GLY C 207 -4.08 -15.56 -23.65
CA GLY C 207 -4.11 -14.42 -24.56
C GLY C 207 -2.70 -13.87 -24.76
N ALA C 208 -2.41 -13.46 -25.99
CA ALA C 208 -1.09 -12.97 -26.35
C ALA C 208 -1.23 -11.64 -27.09
N CYS C 209 -0.09 -10.98 -27.31
CA CYS C 209 -0.08 -9.69 -27.97
C CYS C 209 -0.39 -9.77 -29.46
N ASP C 210 -0.50 -10.97 -30.03
CA ASP C 210 -0.84 -11.12 -31.43
C ASP C 210 -2.34 -11.07 -31.69
N ALA C 211 -3.12 -10.59 -30.72
CA ALA C 211 -4.57 -10.40 -30.84
C ALA C 211 -5.33 -11.72 -30.93
N SER C 212 -4.68 -12.85 -30.69
CA SER C 212 -5.32 -14.16 -30.78
C SER C 212 -5.28 -14.87 -29.43
N ALA C 213 -6.23 -15.77 -29.24
CA ALA C 213 -6.31 -16.62 -28.06
C ALA C 213 -6.33 -18.07 -28.49
N LYS C 214 -5.63 -18.92 -27.74
CA LYS C 214 -5.46 -20.32 -28.06
C LYS C 214 -5.88 -21.18 -26.88
N LEU C 215 -6.63 -22.25 -27.16
CA LEU C 215 -7.04 -23.21 -26.15
C LEU C 215 -6.03 -24.34 -26.09
N TRP C 216 -5.44 -24.55 -24.92
CA TRP C 216 -4.41 -25.56 -24.71
C TRP C 216 -4.91 -26.64 -23.76
N ASP C 217 -4.34 -27.82 -23.88
CA ASP C 217 -4.65 -28.95 -23.02
C ASP C 217 -3.46 -29.26 -22.12
N VAL C 218 -3.77 -29.81 -20.94
CA VAL C 218 -2.72 -30.08 -19.96
C VAL C 218 -1.97 -31.36 -20.31
N ARG C 219 -2.70 -32.47 -20.41
CA ARG C 219 -2.04 -33.75 -20.65
C ARG C 219 -1.48 -33.84 -22.07
N GLU C 220 -2.24 -33.36 -23.05
CA GLU C 220 -1.77 -33.43 -24.44
C GLU C 220 -0.62 -32.46 -24.68
N GLY C 221 -0.79 -31.20 -24.28
CA GLY C 221 0.26 -30.21 -24.45
C GLY C 221 0.33 -29.61 -25.84
N MET C 222 -0.80 -29.49 -26.52
CA MET C 222 -0.86 -28.95 -27.86
C MET C 222 -1.97 -27.91 -27.94
N CYS C 223 -1.89 -27.06 -28.98
CA CYS C 223 -2.90 -26.04 -29.21
C CYS C 223 -4.19 -26.68 -29.70
N ARG C 224 -5.17 -26.82 -28.81
CA ARG C 224 -6.41 -27.49 -29.19
C ARG C 224 -7.22 -26.65 -30.17
N GLN C 225 -7.29 -25.33 -29.94
CA GLN C 225 -8.11 -24.47 -30.78
C GLN C 225 -7.62 -23.04 -30.64
N THR C 226 -7.64 -22.30 -31.74
CA THR C 226 -7.19 -20.92 -31.79
C THR C 226 -8.38 -19.99 -32.01
N PHE C 227 -8.32 -18.78 -31.45
CA PHE C 227 -9.36 -17.79 -31.57
C PHE C 227 -8.75 -16.46 -31.99
N THR C 228 -9.54 -15.66 -32.72
CA THR C 228 -9.11 -14.35 -33.18
C THR C 228 -10.31 -13.42 -33.22
N GLY C 229 -10.05 -12.16 -33.54
CA GLY C 229 -11.09 -11.16 -33.65
C GLY C 229 -10.72 -9.81 -33.08
N HIS C 230 -9.77 -9.78 -32.16
CA HIS C 230 -9.34 -8.53 -31.55
C HIS C 230 -8.46 -7.74 -32.52
N GLU C 231 -8.56 -6.41 -32.43
CA GLU C 231 -7.76 -5.50 -33.23
C GLU C 231 -6.51 -5.03 -32.50
N SER C 232 -6.26 -5.54 -31.30
CA SER C 232 -5.10 -5.12 -30.51
C SER C 232 -4.70 -6.27 -29.60
N ASP C 233 -3.60 -6.06 -28.87
CA ASP C 233 -3.09 -7.08 -27.96
C ASP C 233 -4.13 -7.43 -26.91
N ILE C 234 -4.35 -8.73 -26.72
CA ILE C 234 -5.27 -9.20 -25.69
C ILE C 234 -4.62 -8.99 -24.32
N ASN C 235 -5.26 -8.19 -23.48
CA ASN C 235 -4.72 -7.84 -22.18
C ASN C 235 -5.20 -8.75 -21.06
N ALA C 236 -6.41 -9.30 -21.17
CA ALA C 236 -6.97 -10.13 -20.11
C ALA C 236 -7.79 -11.25 -20.72
N ILE C 237 -8.05 -12.27 -19.91
CA ILE C 237 -8.82 -13.43 -20.34
C ILE C 237 -9.34 -14.14 -19.10
N CYS C 238 -10.54 -14.72 -19.21
CA CYS C 238 -11.17 -15.39 -18.08
C CYS C 238 -12.15 -16.43 -18.61
N PHE C 239 -12.17 -17.59 -17.97
CA PHE C 239 -13.06 -18.67 -18.38
C PHE C 239 -14.48 -18.41 -17.87
N PHE C 240 -15.47 -18.69 -18.71
CA PHE C 240 -16.85 -18.58 -18.28
C PHE C 240 -17.14 -19.64 -17.20
N PRO C 241 -17.95 -19.32 -16.20
CA PRO C 241 -18.17 -20.30 -15.11
C PRO C 241 -18.61 -21.67 -15.60
N ASN C 242 -19.32 -21.75 -16.73
CA ASN C 242 -19.74 -23.05 -17.25
C ASN C 242 -18.55 -23.86 -17.75
N GLY C 243 -17.52 -23.19 -18.25
CA GLY C 243 -16.33 -23.86 -18.76
C GLY C 243 -16.30 -24.07 -20.25
N ASN C 244 -17.33 -23.64 -20.98
CA ASN C 244 -17.38 -23.78 -22.43
C ASN C 244 -17.18 -22.46 -23.17
N ALA C 245 -16.95 -21.37 -22.45
CA ALA C 245 -16.74 -20.07 -23.07
C ALA C 245 -15.76 -19.27 -22.22
N PHE C 246 -15.22 -18.21 -22.82
CA PHE C 246 -14.25 -17.35 -22.13
C PHE C 246 -14.27 -15.97 -22.77
N ALA C 247 -14.22 -14.94 -21.93
CA ALA C 247 -14.12 -13.57 -22.40
C ALA C 247 -12.66 -13.16 -22.51
N THR C 248 -12.43 -12.08 -23.26
CA THR C 248 -11.08 -11.59 -23.51
C THR C 248 -11.08 -10.06 -23.48
N GLY C 249 -10.04 -9.50 -22.87
CA GLY C 249 -9.84 -8.07 -22.81
C GLY C 249 -8.67 -7.67 -23.69
N SER C 250 -8.79 -6.50 -24.32
CA SER C 250 -7.75 -6.02 -25.22
C SER C 250 -7.67 -4.50 -25.13
N ASP C 251 -6.60 -3.96 -25.71
CA ASP C 251 -6.34 -2.53 -25.64
C ASP C 251 -7.20 -1.71 -26.60
N ASP C 252 -7.97 -2.36 -27.46
CA ASP C 252 -8.84 -1.66 -28.42
C ASP C 252 -10.16 -1.21 -27.80
N ALA C 253 -10.28 -1.24 -26.48
CA ALA C 253 -11.48 -0.75 -25.79
C ALA C 253 -12.72 -1.55 -26.17
N THR C 254 -12.64 -2.87 -25.97
CA THR C 254 -13.77 -3.75 -26.24
C THR C 254 -13.48 -5.13 -25.68
N CYS C 255 -14.54 -5.81 -25.25
CA CYS C 255 -14.47 -7.19 -24.79
C CYS C 255 -15.18 -8.10 -25.79
N ARG C 256 -14.61 -9.28 -26.02
CA ARG C 256 -15.15 -10.24 -26.96
C ARG C 256 -15.31 -11.59 -26.27
N LEU C 257 -16.48 -12.21 -26.44
CA LEU C 257 -16.78 -13.50 -25.85
C LEU C 257 -16.62 -14.59 -26.91
N PHE C 258 -15.90 -15.65 -26.57
CA PHE C 258 -15.65 -16.76 -27.47
C PHE C 258 -16.18 -18.05 -26.86
N ASP C 259 -16.60 -18.97 -27.73
CA ASP C 259 -17.14 -20.27 -27.32
C ASP C 259 -16.20 -21.36 -27.83
N LEU C 260 -15.88 -22.31 -26.96
CA LEU C 260 -14.98 -23.39 -27.34
C LEU C 260 -15.65 -24.43 -28.24
N ARG C 261 -16.99 -24.47 -28.25
CA ARG C 261 -17.72 -25.42 -29.07
C ARG C 261 -18.14 -24.85 -30.42
N ALA C 262 -18.47 -23.55 -30.47
CA ALA C 262 -18.84 -22.90 -31.73
C ALA C 262 -17.63 -22.41 -32.52
N ASP C 263 -16.50 -22.16 -31.85
CA ASP C 263 -15.27 -21.73 -32.52
C ASP C 263 -15.46 -20.39 -33.23
N GLN C 264 -16.05 -19.42 -32.54
CA GLN C 264 -16.23 -18.09 -33.10
C GLN C 264 -16.67 -17.14 -31.99
N GLU C 265 -16.66 -15.86 -32.29
CA GLU C 265 -17.03 -14.84 -31.32
C GLU C 265 -18.55 -14.83 -31.15
N LEU C 266 -19.01 -14.72 -29.91
CA LEU C 266 -20.44 -14.69 -29.64
C LEU C 266 -20.99 -13.27 -29.62
N MET C 267 -20.36 -12.39 -28.85
CA MET C 267 -20.83 -11.02 -28.72
C MET C 267 -19.65 -10.11 -28.42
N THR C 268 -19.76 -8.85 -28.82
CA THR C 268 -18.73 -7.85 -28.63
C THR C 268 -19.28 -6.74 -27.75
N TYR C 269 -18.51 -6.37 -26.73
CA TYR C 269 -18.90 -5.32 -25.78
C TYR C 269 -18.02 -4.10 -26.04
N SER C 270 -18.64 -2.97 -26.39
CA SER C 270 -17.91 -1.75 -26.65
C SER C 270 -18.85 -0.56 -26.52
N HIS C 271 -18.26 0.62 -26.33
CA HIS C 271 -19.02 1.85 -26.23
C HIS C 271 -18.19 2.99 -26.82
N ASP C 272 -18.88 3.99 -27.35
CA ASP C 272 -18.20 5.08 -28.02
C ASP C 272 -17.31 5.87 -27.05
N ASN C 273 -17.86 6.23 -25.89
CA ASN C 273 -17.10 7.06 -24.95
C ASN C 273 -15.86 6.35 -24.42
N ILE C 274 -15.79 5.03 -24.54
CA ILE C 274 -14.64 4.26 -24.07
C ILE C 274 -13.63 4.17 -25.22
N ILE C 275 -12.44 4.71 -25.01
CA ILE C 275 -11.38 4.67 -26.00
C ILE C 275 -10.08 4.09 -25.46
N CYS C 276 -9.98 3.82 -24.16
CA CYS C 276 -8.78 3.30 -23.56
C CYS C 276 -8.82 1.78 -23.47
N GLY C 277 -7.66 1.19 -23.19
CA GLY C 277 -7.55 -0.25 -23.12
C GLY C 277 -8.18 -0.82 -21.86
N ILE C 278 -8.12 -2.15 -21.77
CA ILE C 278 -8.67 -2.91 -20.65
C ILE C 278 -7.52 -3.62 -19.95
N THR C 279 -7.61 -3.72 -18.62
CA THR C 279 -6.54 -4.33 -17.85
C THR C 279 -6.88 -5.73 -17.37
N SER C 280 -8.11 -5.96 -16.91
CA SER C 280 -8.50 -7.25 -16.36
C SER C 280 -9.96 -7.51 -16.65
N VAL C 281 -10.33 -8.79 -16.69
CA VAL C 281 -11.70 -9.21 -16.95
C VAL C 281 -11.98 -10.43 -16.09
N SER C 282 -13.20 -10.52 -15.55
CA SER C 282 -13.58 -11.63 -14.70
C SER C 282 -15.10 -11.77 -14.71
N PHE C 283 -15.57 -13.01 -14.78
CA PHE C 283 -16.99 -13.31 -14.73
C PHE C 283 -17.44 -13.50 -13.29
N SER C 284 -18.74 -13.31 -13.06
CA SER C 284 -19.33 -13.61 -11.76
C SER C 284 -19.58 -15.11 -11.64
N LYS C 285 -20.07 -15.51 -10.46
CA LYS C 285 -20.33 -16.93 -10.22
C LYS C 285 -21.33 -17.49 -11.23
N SER C 286 -22.44 -16.77 -11.45
CA SER C 286 -23.46 -17.24 -12.37
C SER C 286 -23.15 -16.88 -13.82
N GLY C 287 -22.19 -15.98 -14.05
CA GLY C 287 -21.87 -15.56 -15.40
C GLY C 287 -22.85 -14.59 -16.01
N ARG C 288 -23.85 -14.13 -15.26
CA ARG C 288 -24.82 -13.20 -15.81
C ARG C 288 -24.22 -11.81 -16.00
N LEU C 289 -23.26 -11.45 -15.16
CA LEU C 289 -22.60 -10.15 -15.22
C LEU C 289 -21.13 -10.33 -15.56
N LEU C 290 -20.58 -9.33 -16.24
CA LEU C 290 -19.19 -9.33 -16.65
C LEU C 290 -18.54 -8.01 -16.27
N LEU C 291 -17.44 -8.09 -15.54
CA LEU C 291 -16.69 -6.91 -15.10
C LEU C 291 -15.39 -6.82 -15.86
N ALA C 292 -14.98 -5.60 -16.21
CA ALA C 292 -13.76 -5.37 -16.97
C ALA C 292 -13.10 -4.10 -16.44
N GLY C 293 -11.88 -4.22 -15.94
CA GLY C 293 -11.16 -3.07 -15.44
C GLY C 293 -10.55 -2.25 -16.55
N TYR C 294 -11.09 -1.05 -16.77
CA TYR C 294 -10.62 -0.14 -17.81
C TYR C 294 -9.56 0.80 -17.25
N ASP C 295 -8.82 1.43 -18.17
CA ASP C 295 -7.73 2.32 -17.78
C ASP C 295 -8.22 3.62 -17.17
N ASP C 296 -9.48 3.99 -17.38
CA ASP C 296 -10.00 5.27 -16.91
C ASP C 296 -10.44 5.23 -15.45
N PHE C 297 -9.56 4.76 -14.56
CA PHE C 297 -9.72 4.84 -13.11
C PHE C 297 -10.99 4.17 -12.60
N ASN C 298 -11.69 3.40 -13.42
CA ASN C 298 -12.94 2.77 -13.02
C ASN C 298 -13.10 1.44 -13.74
N CYS C 299 -14.05 0.64 -13.24
CA CYS C 299 -14.41 -0.64 -13.83
C CYS C 299 -15.89 -0.64 -14.18
N ASN C 300 -16.22 -1.16 -15.36
CA ASN C 300 -17.59 -1.20 -15.84
C ASN C 300 -18.13 -2.62 -15.77
N VAL C 301 -19.45 -2.72 -15.59
CA VAL C 301 -20.16 -4.00 -15.55
C VAL C 301 -20.96 -4.14 -16.83
N TRP C 302 -20.82 -5.28 -17.51
CA TRP C 302 -21.46 -5.52 -18.79
C TRP C 302 -22.41 -6.70 -18.68
N ASP C 303 -23.55 -6.60 -19.37
CA ASP C 303 -24.52 -7.69 -19.43
C ASP C 303 -24.01 -8.76 -20.40
N ALA C 304 -23.73 -9.95 -19.86
CA ALA C 304 -23.16 -11.01 -20.69
C ALA C 304 -24.10 -11.44 -21.82
N LEU C 305 -25.39 -11.14 -21.70
CA LEU C 305 -26.37 -11.55 -22.70
C LEU C 305 -26.87 -10.43 -23.60
N LYS C 306 -26.79 -9.18 -23.15
CA LYS C 306 -27.28 -8.04 -23.93
C LYS C 306 -26.24 -6.95 -24.14
N ALA C 307 -25.04 -7.07 -23.56
CA ALA C 307 -23.96 -6.10 -23.70
C ALA C 307 -24.30 -4.74 -23.10
N ASP C 308 -25.39 -4.62 -22.37
CA ASP C 308 -25.75 -3.35 -21.75
C ASP C 308 -24.87 -3.11 -20.52
N ARG C 309 -24.53 -1.85 -20.30
CA ARG C 309 -23.71 -1.46 -19.15
C ARG C 309 -24.59 -1.51 -17.90
N ALA C 310 -24.68 -2.71 -17.32
CA ALA C 310 -25.52 -2.91 -16.15
C ALA C 310 -25.13 -1.99 -14.99
N GLY C 311 -23.88 -1.55 -14.93
CA GLY C 311 -23.47 -0.65 -13.87
C GLY C 311 -21.98 -0.43 -13.93
N VAL C 312 -21.50 0.42 -13.03
CA VAL C 312 -20.09 0.77 -12.92
C VAL C 312 -19.74 0.99 -11.46
N LEU C 313 -18.51 0.61 -11.11
CA LEU C 313 -17.98 0.84 -9.76
C LEU C 313 -17.58 2.31 -9.63
N ALA C 314 -17.64 2.83 -8.40
CA ALA C 314 -17.29 4.22 -8.16
C ALA C 314 -16.00 4.60 -8.88
N GLY C 315 -14.90 3.94 -8.54
CA GLY C 315 -13.63 4.17 -9.21
C GLY C 315 -12.49 4.39 -8.24
N HIS C 316 -11.26 4.17 -8.71
CA HIS C 316 -10.06 4.37 -7.92
C HIS C 316 -9.38 5.68 -8.35
N ASP C 317 -8.25 5.96 -7.69
CA ASP C 317 -7.46 7.14 -8.01
C ASP C 317 -6.50 6.92 -9.17
N ASN C 318 -6.37 5.69 -9.66
CA ASN C 318 -5.46 5.39 -10.77
C ASN C 318 -6.02 4.21 -11.53
N ARG C 319 -5.34 3.86 -12.63
CA ARG C 319 -5.73 2.75 -13.49
C ARG C 319 -6.09 1.52 -12.68
N VAL C 320 -7.26 0.95 -12.97
CA VAL C 320 -7.65 -0.33 -12.40
C VAL C 320 -6.87 -1.43 -13.13
N SER C 321 -6.03 -2.15 -12.38
CA SER C 321 -5.12 -3.12 -12.99
C SER C 321 -5.59 -4.56 -12.85
N CYS C 322 -6.36 -4.89 -11.82
CA CYS C 322 -6.74 -6.27 -11.58
C CYS C 322 -8.05 -6.30 -10.80
N LEU C 323 -8.77 -7.42 -10.94
CA LEU C 323 -10.03 -7.62 -10.23
C LEU C 323 -10.38 -9.10 -10.28
N GLY C 324 -11.16 -9.53 -9.30
CA GLY C 324 -11.57 -10.92 -9.21
C GLY C 324 -12.79 -11.13 -8.34
N VAL C 325 -13.65 -12.06 -8.74
CA VAL C 325 -14.88 -12.37 -8.01
C VAL C 325 -14.63 -13.62 -7.17
N THR C 326 -15.17 -13.60 -5.95
CA THR C 326 -15.01 -14.74 -5.05
C THR C 326 -15.65 -15.98 -5.66
N ASP C 327 -15.18 -17.15 -5.20
CA ASP C 327 -15.73 -18.41 -5.69
C ASP C 327 -17.21 -18.55 -5.37
N ASP C 328 -17.71 -17.85 -4.35
CA ASP C 328 -19.11 -17.87 -3.98
C ASP C 328 -19.88 -16.66 -4.52
N GLY C 329 -19.21 -15.75 -5.21
CA GLY C 329 -19.84 -14.57 -5.75
C GLY C 329 -20.36 -13.59 -4.72
N MET C 330 -19.93 -13.71 -3.46
CA MET C 330 -20.43 -12.82 -2.43
C MET C 330 -19.94 -11.39 -2.62
N ALA C 331 -18.74 -11.22 -3.17
CA ALA C 331 -18.18 -9.89 -3.39
C ALA C 331 -17.10 -9.97 -4.45
N VAL C 332 -16.74 -8.80 -4.99
CA VAL C 332 -15.72 -8.69 -6.02
C VAL C 332 -14.71 -7.65 -5.58
N ALA C 333 -13.43 -7.94 -5.79
CA ALA C 333 -12.34 -7.04 -5.44
C ALA C 333 -11.75 -6.43 -6.70
N THR C 334 -11.23 -5.21 -6.58
CA THR C 334 -10.62 -4.49 -7.68
C THR C 334 -9.34 -3.82 -7.22
N GLY C 335 -8.24 -4.11 -7.91
CA GLY C 335 -6.97 -3.48 -7.61
C GLY C 335 -6.67 -2.34 -8.56
N SER C 336 -5.85 -1.39 -8.12
CA SER C 336 -5.56 -0.21 -8.93
C SER C 336 -4.14 0.25 -8.65
N TRP C 337 -3.59 1.02 -9.60
CA TRP C 337 -2.23 1.55 -9.45
C TRP C 337 -2.13 2.59 -8.34
N ASP C 338 -3.25 2.99 -7.75
CA ASP C 338 -3.24 3.96 -6.65
C ASP C 338 -2.76 3.36 -5.33
N SER C 339 -2.36 2.09 -5.33
CA SER C 339 -1.89 1.36 -4.15
C SER C 339 -3.02 0.91 -3.24
N PHE C 340 -4.28 1.13 -3.63
CA PHE C 340 -5.43 0.73 -2.83
C PHE C 340 -6.16 -0.42 -3.50
N LEU C 341 -6.81 -1.23 -2.67
CA LEU C 341 -7.61 -2.37 -3.12
C LEU C 341 -8.94 -2.35 -2.40
N LYS C 342 -10.03 -2.30 -3.17
CA LYS C 342 -11.38 -2.20 -2.62
C LYS C 342 -12.17 -3.45 -2.95
N ILE C 343 -13.11 -3.78 -2.07
CA ILE C 343 -14.03 -4.91 -2.25
C ILE C 343 -15.43 -4.34 -2.38
N TRP C 344 -16.16 -4.83 -3.38
CA TRP C 344 -17.48 -4.30 -3.72
C TRP C 344 -18.52 -5.39 -3.51
N ASN C 345 -19.70 -4.99 -3.04
CA ASN C 345 -20.79 -5.93 -2.80
C ASN C 345 -22.09 -5.18 -2.54
N ALA D 7 14.86 -22.81 -42.48
CA ALA D 7 14.06 -22.80 -41.23
C ALA D 7 12.59 -22.49 -41.53
N SER D 8 12.35 -21.73 -42.59
CA SER D 8 10.98 -21.36 -42.94
C SER D 8 10.17 -22.59 -43.34
N ILE D 9 10.81 -23.62 -43.86
CA ILE D 9 10.09 -24.82 -44.27
C ILE D 9 9.47 -25.50 -43.06
N ALA D 10 10.24 -25.64 -41.98
CA ALA D 10 9.70 -26.26 -40.77
C ALA D 10 8.57 -25.43 -40.18
N GLN D 11 8.71 -24.10 -40.19
CA GLN D 11 7.65 -23.25 -39.68
C GLN D 11 6.37 -23.42 -40.50
N ALA D 12 6.51 -23.42 -41.83
CA ALA D 12 5.33 -23.59 -42.68
C ALA D 12 4.69 -24.95 -42.47
N ARG D 13 5.50 -26.00 -42.32
CA ARG D 13 4.96 -27.34 -42.09
C ARG D 13 4.19 -27.39 -40.77
N LYS D 14 4.76 -26.83 -39.71
CA LYS D 14 4.08 -26.81 -38.41
C LYS D 14 2.78 -26.02 -38.50
N LEU D 15 2.81 -24.89 -39.23
CA LEU D 15 1.61 -24.07 -39.36
C LEU D 15 0.50 -24.82 -40.08
N VAL D 16 0.84 -25.47 -41.20
CA VAL D 16 -0.18 -26.20 -41.94
C VAL D 16 -0.70 -27.38 -41.14
N GLU D 17 0.18 -28.04 -40.38
CA GLU D 17 -0.27 -29.15 -39.54
C GLU D 17 -1.24 -28.66 -38.47
N GLN D 18 -0.91 -27.53 -37.83
CA GLN D 18 -1.80 -26.98 -36.81
C GLN D 18 -3.14 -26.56 -37.41
N LEU D 19 -3.11 -25.94 -38.60
CA LEU D 19 -4.35 -25.55 -39.25
C LEU D 19 -5.21 -26.75 -39.59
N LYS D 20 -4.58 -27.83 -40.08
CA LYS D 20 -5.33 -29.04 -40.39
C LYS D 20 -5.92 -29.66 -39.13
N MET D 21 -5.16 -29.64 -38.03
CA MET D 21 -5.65 -30.20 -36.78
C MET D 21 -6.84 -29.40 -36.25
N GLU D 22 -6.74 -28.08 -36.29
CA GLU D 22 -7.83 -27.24 -35.78
C GLU D 22 -9.07 -27.34 -36.65
N ALA D 23 -8.92 -27.78 -37.91
CA ALA D 23 -10.08 -27.87 -38.79
C ALA D 23 -10.87 -29.15 -38.57
N ASN D 24 -10.25 -30.16 -37.96
CA ASN D 24 -10.92 -31.45 -37.77
C ASN D 24 -11.84 -31.47 -36.56
N ILE D 25 -11.67 -30.54 -35.61
CA ILE D 25 -12.48 -30.56 -34.41
C ILE D 25 -13.94 -30.33 -34.77
N ASP D 26 -14.83 -30.92 -33.97
CA ASP D 26 -16.26 -30.77 -34.21
C ASP D 26 -16.74 -29.39 -33.78
N ARG D 27 -17.88 -28.98 -34.32
CA ARG D 27 -18.47 -27.68 -34.02
C ARG D 27 -19.99 -27.84 -33.91
N ILE D 28 -20.61 -26.87 -33.25
CA ILE D 28 -22.06 -26.86 -33.04
C ILE D 28 -22.60 -25.50 -33.47
N LYS D 29 -23.92 -25.45 -33.64
CA LYS D 29 -24.58 -24.20 -34.03
C LYS D 29 -24.46 -23.18 -32.91
N VAL D 30 -24.30 -21.91 -33.29
CA VAL D 30 -24.15 -20.85 -32.29
C VAL D 30 -25.44 -20.70 -31.49
N SER D 31 -26.58 -20.97 -32.11
CA SER D 31 -27.86 -20.84 -31.41
C SER D 31 -27.93 -21.78 -30.21
N LYS D 32 -27.47 -23.02 -30.38
CA LYS D 32 -27.52 -23.99 -29.29
C LYS D 32 -26.62 -23.57 -28.14
N ALA D 33 -25.40 -23.09 -28.45
CA ALA D 33 -24.50 -22.62 -27.40
C ALA D 33 -25.09 -21.42 -26.68
N ALA D 34 -25.71 -20.51 -27.43
CA ALA D 34 -26.32 -19.33 -26.81
C ALA D 34 -27.46 -19.75 -25.88
N ALA D 35 -28.31 -20.68 -26.33
CA ALA D 35 -29.39 -21.15 -25.48
C ALA D 35 -28.86 -21.84 -24.23
N ASP D 36 -27.78 -22.63 -24.38
CA ASP D 36 -27.21 -23.29 -23.23
C ASP D 36 -26.65 -22.29 -22.22
N LEU D 37 -25.95 -21.26 -22.71
CA LEU D 37 -25.43 -20.24 -21.81
C LEU D 37 -26.56 -19.49 -21.11
N MET D 38 -27.62 -19.16 -21.85
CA MET D 38 -28.76 -18.47 -21.25
C MET D 38 -29.40 -19.33 -20.17
N ALA D 39 -29.57 -20.62 -20.44
CA ALA D 39 -30.15 -21.51 -19.44
C ALA D 39 -29.24 -21.61 -18.21
N TYR D 40 -27.93 -21.74 -18.42
CA TYR D 40 -27.00 -21.80 -17.29
C TYR D 40 -27.10 -20.55 -16.44
N CYS D 41 -27.13 -19.38 -17.08
CA CYS D 41 -27.21 -18.13 -16.34
C CYS D 41 -28.52 -18.02 -15.57
N GLU D 42 -29.64 -18.34 -16.24
CA GLU D 42 -30.93 -18.28 -15.57
C GLU D 42 -31.00 -19.24 -14.40
N ALA D 43 -30.31 -20.38 -14.49
CA ALA D 43 -30.33 -21.34 -13.39
C ALA D 43 -29.47 -20.85 -12.24
N HIS D 44 -28.27 -20.36 -12.53
CA HIS D 44 -27.37 -19.89 -11.48
C HIS D 44 -27.66 -18.47 -11.04
N ALA D 45 -28.57 -17.76 -11.71
CA ALA D 45 -28.88 -16.39 -11.31
C ALA D 45 -29.48 -16.34 -9.92
N LYS D 46 -30.18 -17.40 -9.49
CA LYS D 46 -30.81 -17.41 -8.18
C LYS D 46 -29.79 -17.53 -7.05
N GLU D 47 -28.54 -17.86 -7.36
CA GLU D 47 -27.51 -18.02 -6.35
C GLU D 47 -26.34 -17.06 -6.53
N ASP D 48 -26.54 -15.95 -7.23
CA ASP D 48 -25.49 -14.96 -7.45
C ASP D 48 -25.77 -13.73 -6.59
N PRO D 49 -25.07 -13.53 -5.47
CA PRO D 49 -25.32 -12.34 -4.66
C PRO D 49 -25.08 -11.03 -5.39
N LEU D 50 -24.27 -11.03 -6.44
CA LEU D 50 -24.02 -9.79 -7.18
C LEU D 50 -25.26 -9.33 -7.94
N LEU D 51 -26.03 -10.27 -8.48
CA LEU D 51 -27.25 -9.91 -9.20
C LEU D 51 -28.41 -9.70 -8.23
N THR D 52 -28.52 -10.55 -7.22
CA THR D 52 -29.56 -10.46 -6.19
C THR D 52 -28.92 -10.09 -4.87
N PRO D 53 -28.85 -8.80 -4.51
CA PRO D 53 -28.23 -8.42 -3.23
C PRO D 53 -28.93 -9.10 -2.05
N VAL D 54 -28.15 -9.78 -1.23
CA VAL D 54 -28.67 -10.46 -0.05
C VAL D 54 -28.79 -9.46 1.09
N PRO D 55 -29.68 -9.66 2.04
CA PRO D 55 -29.82 -8.70 3.15
C PRO D 55 -28.62 -8.72 4.06
N ALA D 56 -28.61 -7.77 5.00
CA ALA D 56 -27.50 -7.68 5.95
C ALA D 56 -27.41 -8.90 6.85
N SER D 57 -28.53 -9.60 7.08
CA SER D 57 -28.50 -10.78 7.94
C SER D 57 -27.58 -11.86 7.38
N GLU D 58 -27.40 -11.89 6.06
CA GLU D 58 -26.53 -12.87 5.42
C GLU D 58 -25.27 -12.27 4.81
N ASN D 59 -25.30 -11.00 4.42
CA ASN D 59 -24.13 -10.36 3.83
C ASN D 59 -23.00 -10.33 4.84
N PRO D 60 -21.87 -11.00 4.60
CA PRO D 60 -20.76 -10.96 5.57
C PRO D 60 -19.99 -9.66 5.58
N PHE D 61 -20.30 -8.72 4.69
CA PHE D 61 -19.61 -7.43 4.62
C PHE D 61 -20.54 -6.36 5.18
N ARG D 62 -20.25 -5.89 6.39
CA ARG D 62 -21.05 -4.85 7.04
C ARG D 62 -20.10 -3.88 7.73
N GLU D 63 -20.68 -2.93 8.45
CA GLU D 63 -19.88 -1.93 9.16
C GLU D 63 -19.13 -2.58 10.31
N LYS D 64 -17.83 -2.36 10.38
CA LYS D 64 -17.00 -2.92 11.43
C LYS D 64 -17.38 -2.35 12.79
N VAL E 2 11.99 -26.61 15.84
CA VAL E 2 11.33 -25.98 17.03
C VAL E 2 11.80 -26.69 18.30
N GLN E 3 12.33 -25.91 19.24
CA GLN E 3 12.83 -26.46 20.50
C GLN E 3 12.80 -25.38 21.56
N LEU E 4 12.29 -25.73 22.74
CA LEU E 4 12.22 -24.83 23.89
C LEU E 4 12.94 -25.48 25.05
N VAL E 5 13.97 -24.81 25.57
CA VAL E 5 14.78 -25.33 26.67
C VAL E 5 14.62 -24.37 27.84
N GLU E 6 13.97 -24.85 28.90
CA GLU E 6 13.76 -24.06 30.11
C GLU E 6 14.86 -24.36 31.11
N SER E 7 15.29 -23.33 31.84
CA SER E 7 16.34 -23.44 32.82
C SER E 7 15.95 -22.70 34.09
N GLY E 8 16.32 -23.25 35.24
CA GLY E 8 16.02 -22.64 36.52
C GLY E 8 14.93 -23.36 37.28
N GLY E 9 15.07 -23.44 38.60
CA GLY E 9 14.09 -24.11 39.43
C GLY E 9 14.69 -24.69 40.69
N GLY E 10 14.43 -25.98 40.94
CA GLY E 10 14.96 -26.62 42.12
C GLY E 10 14.23 -26.20 43.38
N LEU E 11 14.89 -26.38 44.52
CA LEU E 11 14.32 -26.03 45.81
C LEU E 11 14.52 -24.54 46.07
N VAL E 12 13.41 -23.82 46.24
CA VAL E 12 13.44 -22.39 46.52
C VAL E 12 12.66 -22.13 47.79
N GLN E 13 13.07 -21.10 48.52
CA GLN E 13 12.39 -20.75 49.77
C GLN E 13 11.12 -19.96 49.48
N PRO E 14 10.17 -19.94 50.41
CA PRO E 14 8.93 -19.18 50.18
C PRO E 14 9.20 -17.71 49.88
N GLY E 15 10.01 -17.04 50.70
CA GLY E 15 10.32 -15.65 50.47
C GLY E 15 11.45 -15.39 49.50
N GLY E 16 12.00 -16.43 48.88
CA GLY E 16 13.07 -16.29 47.94
C GLY E 16 12.58 -15.80 46.59
N SER E 17 13.49 -15.87 45.61
CA SER E 17 13.18 -15.44 44.25
C SER E 17 13.91 -16.35 43.26
N ARG E 18 13.36 -16.45 42.06
CA ARG E 18 13.94 -17.27 41.00
C ARG E 18 13.64 -16.61 39.67
N LYS E 19 14.55 -16.82 38.72
CA LYS E 19 14.45 -16.23 37.38
C LYS E 19 14.53 -17.37 36.37
N LEU E 20 13.37 -17.80 35.87
CA LEU E 20 13.31 -18.83 34.86
C LEU E 20 13.75 -18.27 33.51
N SER E 21 14.47 -19.07 32.74
CA SER E 21 14.98 -18.69 31.43
C SER E 21 14.64 -19.78 30.43
N CYS E 22 13.89 -19.42 29.38
CA CYS E 22 13.49 -20.35 28.33
C CYS E 22 14.15 -19.90 27.02
N SER E 23 15.04 -20.73 26.50
CA SER E 23 15.75 -20.43 25.26
C SER E 23 14.98 -21.01 24.08
N ALA E 24 14.60 -20.16 23.14
CA ALA E 24 13.83 -20.57 21.97
C ALA E 24 14.74 -20.62 20.75
N SER E 25 14.51 -21.62 19.89
CA SER E 25 15.30 -21.76 18.68
C SER E 25 14.52 -22.64 17.69
N GLY E 26 14.80 -22.42 16.40
CA GLY E 26 14.17 -23.21 15.36
C GLY E 26 12.89 -22.64 14.80
N PHE E 27 12.58 -21.37 15.09
CA PHE E 27 11.37 -20.75 14.56
C PHE E 27 11.46 -19.25 14.76
N ALA E 28 10.46 -18.55 14.21
CA ALA E 28 10.41 -17.09 14.29
C ALA E 28 9.91 -16.65 15.66
N PHE E 29 10.79 -16.75 16.66
CA PHE E 29 10.41 -16.36 18.03
C PHE E 29 9.76 -14.98 18.06
N SER E 30 10.25 -14.06 17.21
CA SER E 30 9.74 -12.70 17.23
C SER E 30 8.24 -12.65 16.97
N SER E 31 7.79 -13.28 15.88
CA SER E 31 6.39 -13.20 15.49
C SER E 31 5.46 -13.99 16.40
N PHE E 32 5.97 -15.03 17.05
CA PHE E 32 5.11 -15.88 17.87
C PHE E 32 4.91 -15.28 19.26
N GLY E 33 3.76 -15.58 19.86
CA GLY E 33 3.50 -15.23 21.24
C GLY E 33 3.92 -16.34 22.18
N MET E 34 4.03 -16.00 23.47
CA MET E 34 4.53 -16.92 24.47
C MET E 34 3.62 -16.91 25.70
N HIS E 35 3.35 -18.10 26.22
CA HIS E 35 2.54 -18.28 27.41
C HIS E 35 3.29 -19.13 28.42
N TRP E 36 3.01 -18.90 29.70
CA TRP E 36 3.53 -19.72 30.79
C TRP E 36 2.37 -20.47 31.44
N VAL E 37 2.46 -21.79 31.44
CA VAL E 37 1.41 -22.65 31.98
C VAL E 37 2.05 -23.58 33.02
N ARG E 38 1.61 -23.46 34.26
CA ARG E 38 2.09 -24.31 35.33
C ARG E 38 1.22 -25.54 35.47
N GLN E 39 1.79 -26.58 36.09
CA GLN E 39 1.06 -27.82 36.33
C GLN E 39 1.57 -28.44 37.61
N ALA E 40 0.79 -28.33 38.68
CA ALA E 40 1.18 -28.89 39.96
C ALA E 40 0.98 -30.40 39.95
N PRO E 41 1.65 -31.13 40.86
CA PRO E 41 1.48 -32.58 40.89
C PRO E 41 0.02 -32.97 41.09
N GLU E 42 -0.44 -33.91 40.27
CA GLU E 42 -1.81 -34.42 40.33
C GLU E 42 -2.84 -33.29 40.21
N LYS E 43 -2.54 -32.30 39.36
CA LYS E 43 -3.44 -31.18 39.13
C LYS E 43 -3.38 -30.79 37.66
N GLY E 44 -4.45 -30.15 37.20
CA GLY E 44 -4.54 -29.74 35.82
C GLY E 44 -3.68 -28.53 35.51
N LEU E 45 -3.63 -28.20 34.21
CA LEU E 45 -2.85 -27.06 33.75
C LEU E 45 -3.49 -25.76 34.21
N GLU E 46 -2.66 -24.72 34.29
CA GLU E 46 -3.13 -23.39 34.70
C GLU E 46 -2.30 -22.33 33.99
N TRP E 47 -2.98 -21.40 33.32
CA TRP E 47 -2.30 -20.32 32.62
C TRP E 47 -1.77 -19.30 33.62
N VAL E 48 -0.55 -18.80 33.34
CA VAL E 48 0.15 -17.89 34.24
C VAL E 48 0.22 -16.49 33.65
N ALA E 49 0.85 -16.34 32.49
CA ALA E 49 1.06 -15.03 31.88
C ALA E 49 1.15 -15.17 30.38
N TYR E 50 1.27 -14.03 29.70
CA TYR E 50 1.31 -13.99 28.24
C TYR E 50 1.98 -12.71 27.78
N ILE E 51 2.74 -12.81 26.70
CA ILE E 51 3.38 -11.66 26.04
C ILE E 51 3.05 -11.72 24.56
N SER E 52 2.54 -10.62 24.02
CA SER E 52 2.22 -10.57 22.60
C SER E 52 3.48 -10.28 21.79
N SER E 53 3.35 -10.37 20.47
CA SER E 53 4.47 -10.11 19.58
C SER E 53 5.00 -8.71 19.78
N GLY E 54 6.32 -8.59 19.94
CA GLY E 54 6.94 -7.31 20.16
C GLY E 54 6.66 -6.70 21.52
N SER E 55 6.21 -7.50 22.48
CA SER E 55 5.92 -7.02 23.84
C SER E 55 4.91 -5.88 23.82
N GLY E 56 3.96 -5.92 22.88
CA GLY E 56 2.96 -4.87 22.79
C GLY E 56 1.80 -5.06 23.74
N THR E 57 1.52 -6.29 24.14
CA THR E 57 0.42 -6.59 25.06
C THR E 57 0.86 -7.69 26.00
N ILE E 58 0.83 -7.40 27.30
CA ILE E 58 1.23 -8.36 28.33
C ILE E 58 0.06 -8.53 29.28
N TYR E 59 -0.36 -9.77 29.49
CA TYR E 59 -1.47 -10.10 30.38
C TYR E 59 -1.00 -11.05 31.47
N TYR E 60 -1.58 -10.88 32.66
CA TYR E 60 -1.26 -11.71 33.82
C TYR E 60 -2.54 -12.31 34.37
N ALA E 61 -2.41 -13.47 35.01
CA ALA E 61 -3.54 -14.12 35.65
C ALA E 61 -3.79 -13.49 37.01
N ASP E 62 -5.06 -13.45 37.41
CA ASP E 62 -5.42 -12.85 38.69
C ASP E 62 -4.68 -13.50 39.85
N THR E 63 -4.38 -14.80 39.74
CA THR E 63 -3.67 -15.50 40.81
C THR E 63 -2.22 -15.04 40.93
N VAL E 64 -1.62 -14.52 39.85
CA VAL E 64 -0.24 -14.07 39.86
C VAL E 64 -0.10 -12.62 39.44
N LYS E 65 -1.21 -11.93 39.15
CA LYS E 65 -1.14 -10.55 38.71
C LYS E 65 -0.42 -9.69 39.74
N GLY E 66 0.67 -9.05 39.31
CA GLY E 66 1.44 -8.18 40.17
C GLY E 66 2.58 -8.84 40.92
N ARG E 67 2.49 -10.15 41.18
CA ARG E 67 3.57 -10.82 41.90
C ARG E 67 4.66 -11.32 40.96
N PHE E 68 4.28 -11.86 39.80
CA PHE E 68 5.22 -12.33 38.80
C PHE E 68 5.44 -11.26 37.74
N THR E 69 6.64 -11.27 37.15
CA THR E 69 7.01 -10.32 36.11
C THR E 69 7.59 -11.12 34.93
N ILE E 70 6.90 -11.05 33.79
CA ILE E 70 7.32 -11.75 32.58
C ILE E 70 7.88 -10.73 31.60
N SER E 71 9.03 -11.05 31.01
CA SER E 71 9.69 -10.18 30.05
C SER E 71 10.09 -11.01 28.83
N ARG E 72 10.30 -10.32 27.71
CA ARG E 72 10.62 -10.94 26.44
C ARG E 72 11.78 -10.21 25.78
N ASP E 73 12.67 -10.98 25.15
CA ASP E 73 13.85 -10.43 24.47
C ASP E 73 13.89 -11.04 23.07
N ASP E 74 13.40 -10.29 22.08
CA ASP E 74 13.35 -10.83 20.72
C ASP E 74 14.73 -10.93 20.10
N PRO E 75 15.59 -9.91 20.16
CA PRO E 75 16.95 -10.07 19.59
C PRO E 75 17.68 -11.30 20.12
N LYS E 76 17.63 -11.55 21.43
CA LYS E 76 18.29 -12.71 22.00
C LYS E 76 17.43 -13.98 21.89
N ASN E 77 16.13 -13.84 21.69
CA ASN E 77 15.22 -14.97 21.57
C ASN E 77 15.21 -15.81 22.84
N THR E 78 14.92 -15.13 23.96
CA THR E 78 14.87 -15.76 25.27
C THR E 78 13.72 -15.17 26.07
N LEU E 79 12.96 -16.04 26.72
CA LEU E 79 11.81 -15.63 27.53
C LEU E 79 12.16 -15.78 29.00
N PHE E 80 12.00 -14.69 29.76
CA PHE E 80 12.34 -14.65 31.17
C PHE E 80 11.07 -14.46 31.99
N LEU E 81 10.99 -15.12 33.14
CA LEU E 81 9.88 -14.99 34.07
C LEU E 81 10.46 -14.73 35.46
N GLN E 82 10.37 -13.50 35.93
CA GLN E 82 10.92 -13.10 37.22
C GLN E 82 9.83 -13.25 38.28
N MET E 83 10.13 -14.02 39.32
CA MET E 83 9.21 -14.27 40.43
C MET E 83 9.85 -13.75 41.71
N THR E 84 9.27 -12.69 42.27
CA THR E 84 9.80 -12.07 43.48
C THR E 84 9.29 -12.72 44.75
N SER E 85 8.11 -13.35 44.71
CA SER E 85 7.56 -14.02 45.89
C SER E 85 6.91 -15.32 45.42
N LEU E 86 7.14 -16.39 46.19
CA LEU E 86 6.69 -17.73 45.84
C LEU E 86 5.93 -18.33 47.01
N ARG E 87 4.62 -18.51 46.85
CA ARG E 87 3.82 -19.17 47.86
C ARG E 87 3.99 -20.68 47.76
N SER E 88 3.45 -21.39 48.75
CA SER E 88 3.54 -22.85 48.75
C SER E 88 2.84 -23.46 47.54
N GLU E 89 1.72 -22.87 47.13
CA GLU E 89 0.97 -23.41 46.01
C GLU E 89 1.63 -23.15 44.66
N ASP E 90 2.68 -22.33 44.62
CA ASP E 90 3.36 -22.02 43.37
C ASP E 90 4.23 -23.16 42.85
N THR E 91 4.48 -24.18 43.66
CA THR E 91 5.27 -25.32 43.20
C THR E 91 4.57 -26.01 42.04
N ALA E 92 5.20 -25.99 40.87
CA ALA E 92 4.64 -26.60 39.67
C ALA E 92 5.63 -26.47 38.54
N MET E 93 5.45 -27.29 37.52
CA MET E 93 6.29 -27.23 36.34
C MET E 93 5.73 -26.21 35.36
N TYR E 94 6.54 -25.19 35.04
CA TYR E 94 6.14 -24.10 34.14
C TYR E 94 6.59 -24.45 32.72
N TYR E 95 5.63 -24.51 31.80
CA TYR E 95 5.90 -24.85 30.41
C TYR E 95 5.74 -23.62 29.53
N CYS E 96 6.71 -23.40 28.64
CA CYS E 96 6.61 -22.34 27.64
C CYS E 96 5.88 -22.86 26.41
N VAL E 97 4.93 -22.06 25.92
CA VAL E 97 4.07 -22.46 24.81
C VAL E 97 4.03 -21.34 23.79
N ARG E 98 4.06 -21.70 22.51
CA ARG E 98 3.95 -20.72 21.44
C ARG E 98 2.49 -20.39 21.17
N SER E 99 2.27 -19.20 20.61
CA SER E 99 0.92 -18.76 20.24
C SER E 99 1.04 -17.65 19.21
N ILE E 100 0.62 -17.92 17.98
CA ILE E 100 0.57 -16.95 16.90
C ILE E 100 -0.90 -16.79 16.49
N TYR E 101 -1.36 -15.56 16.39
CA TYR E 101 -2.77 -15.26 16.18
C TYR E 101 -2.98 -14.68 14.79
N TYR E 102 -3.71 -15.42 13.96
CA TYR E 102 -4.14 -14.95 12.65
C TYR E 102 -5.15 -15.95 12.11
N TYR E 103 -5.92 -15.53 11.11
CA TYR E 103 -6.95 -16.37 10.54
C TYR E 103 -6.35 -17.68 10.04
N GLY E 104 -6.84 -18.79 10.57
CA GLY E 104 -6.32 -20.10 10.21
C GLY E 104 -5.14 -20.57 11.01
N SER E 105 -4.73 -19.83 12.03
CA SER E 105 -3.58 -20.22 12.83
C SER E 105 -3.97 -21.31 13.83
N SER E 106 -2.96 -21.85 14.50
CA SER E 106 -3.14 -22.88 15.53
C SER E 106 -2.31 -22.50 16.74
N PRO E 107 -2.81 -21.66 17.63
CA PRO E 107 -2.05 -21.31 18.83
C PRO E 107 -1.97 -22.49 19.79
N PHE E 108 -0.98 -22.40 20.69
CA PHE E 108 -0.70 -23.47 21.65
C PHE E 108 -0.39 -24.79 20.96
N ASP E 109 0.27 -24.74 19.79
CA ASP E 109 0.53 -25.96 19.04
C ASP E 109 1.78 -26.67 19.54
N PHE E 110 2.74 -25.93 20.10
CA PHE E 110 4.00 -26.52 20.58
C PHE E 110 4.19 -26.18 22.04
N TRP E 111 4.62 -27.17 22.82
CA TRP E 111 4.86 -27.02 24.25
C TRP E 111 6.28 -27.43 24.58
N GLY E 112 6.94 -26.63 25.40
CA GLY E 112 8.31 -26.91 25.80
C GLY E 112 8.39 -28.04 26.81
N GLN E 113 9.63 -28.41 27.13
CA GLN E 113 9.86 -29.47 28.10
C GLN E 113 9.55 -29.03 29.52
N GLY E 114 9.59 -27.73 29.80
CA GLY E 114 9.27 -27.22 31.11
C GLY E 114 10.38 -27.44 32.12
N THR E 115 10.30 -26.68 33.21
CA THR E 115 11.26 -26.77 34.31
C THR E 115 10.50 -26.94 35.61
N THR E 116 11.08 -27.72 36.53
CA THR E 116 10.44 -28.03 37.79
C THR E 116 10.90 -27.04 38.86
N LEU E 117 9.95 -26.32 39.45
CA LEU E 117 10.22 -25.39 40.54
C LEU E 117 9.41 -25.82 41.76
N THR E 118 10.08 -25.95 42.90
CA THR E 118 9.45 -26.37 44.14
C THR E 118 9.75 -25.36 45.24
N VAL E 119 8.75 -25.13 46.09
CA VAL E 119 8.86 -24.20 47.22
C VAL E 119 8.94 -25.00 48.50
N SER E 120 9.89 -24.65 49.36
CA SER E 120 10.06 -25.34 50.64
C SER E 120 8.84 -25.15 51.53
N ASP E 138 -14.27 -15.64 35.84
CA ASP E 138 -13.53 -16.50 34.92
C ASP E 138 -14.41 -17.64 34.44
N ILE E 139 -14.18 -18.06 33.19
CA ILE E 139 -14.94 -19.16 32.61
C ILE E 139 -14.47 -20.48 33.23
N VAL E 140 -15.42 -21.28 33.67
CA VAL E 140 -15.14 -22.56 34.34
C VAL E 140 -15.33 -23.68 33.33
N MET E 141 -14.33 -24.54 33.22
CA MET E 141 -14.38 -25.71 32.35
C MET E 141 -14.46 -26.96 33.21
N THR E 142 -15.45 -27.81 32.93
CA THR E 142 -15.70 -29.01 33.71
C THR E 142 -15.80 -30.21 32.78
N GLN E 143 -15.28 -31.35 33.24
CA GLN E 143 -15.34 -32.61 32.51
C GLN E 143 -16.13 -33.62 33.32
N ALA E 144 -17.11 -34.25 32.69
CA ALA E 144 -17.98 -35.21 33.36
C ALA E 144 -17.18 -36.38 33.94
N THR E 145 -16.52 -37.13 33.06
CA THR E 145 -15.76 -38.32 33.45
C THR E 145 -14.28 -37.99 33.52
N SER E 146 -13.61 -38.54 34.53
CA SER E 146 -12.17 -38.35 34.71
C SER E 146 -11.38 -39.57 34.27
N SER E 147 -11.72 -40.75 34.77
CA SER E 147 -11.06 -42.00 34.43
C SER E 147 -12.07 -42.91 33.75
N VAL E 148 -11.79 -43.27 32.50
CA VAL E 148 -12.68 -44.14 31.72
C VAL E 148 -11.88 -45.32 31.18
N PRO E 149 -11.67 -46.37 31.97
CA PRO E 149 -10.93 -47.54 31.47
C PRO E 149 -11.62 -48.13 30.25
N VAL E 150 -10.86 -48.25 29.16
CA VAL E 150 -11.36 -48.80 27.91
C VAL E 150 -10.20 -49.47 27.18
N THR E 151 -10.48 -50.63 26.59
CA THR E 151 -9.46 -51.36 25.87
C THR E 151 -9.19 -50.70 24.52
N PRO E 152 -7.96 -50.85 23.99
CA PRO E 152 -7.67 -50.27 22.68
C PRO E 152 -8.57 -50.85 21.60
N GLY E 153 -8.90 -50.01 20.61
CA GLY E 153 -9.72 -50.39 19.49
C GLY E 153 -11.14 -49.86 19.55
N GLU E 154 -11.72 -49.78 20.75
CA GLU E 154 -13.07 -49.29 20.90
C GLU E 154 -13.09 -47.77 20.93
N SER E 155 -14.15 -47.19 20.37
CA SER E 155 -14.27 -45.75 20.31
C SER E 155 -14.44 -45.18 21.71
N VAL E 156 -13.91 -43.97 21.92
CA VAL E 156 -13.98 -43.28 23.20
C VAL E 156 -14.61 -41.91 22.99
N SER E 157 -15.31 -41.44 24.02
CA SER E 157 -15.99 -40.15 23.98
C SER E 157 -15.74 -39.43 25.28
N ILE E 158 -15.26 -38.18 25.20
CA ILE E 158 -14.99 -37.35 26.35
C ILE E 158 -15.88 -36.12 26.26
N SER E 159 -16.77 -35.96 27.24
CA SER E 159 -17.71 -34.85 27.26
C SER E 159 -17.11 -33.67 28.02
N CYS E 160 -17.47 -32.46 27.58
CA CYS E 160 -16.98 -31.24 28.18
C CYS E 160 -18.10 -30.22 28.23
N ARG E 161 -18.11 -29.40 29.28
CA ARG E 161 -19.11 -28.36 29.48
C ARG E 161 -18.43 -27.08 29.97
N SER E 162 -18.89 -25.95 29.45
CA SER E 162 -18.37 -24.65 29.82
C SER E 162 -19.47 -23.80 30.44
N SER E 163 -19.10 -22.98 31.42
CA SER E 163 -20.07 -22.13 32.09
C SER E 163 -20.64 -21.08 31.12
N LYS E 164 -19.79 -20.48 30.32
CA LYS E 164 -20.19 -19.46 29.35
C LYS E 164 -20.03 -20.00 27.94
N SER E 165 -20.93 -19.58 27.06
CA SER E 165 -20.89 -20.03 25.66
C SER E 165 -19.60 -19.55 25.00
N LEU E 166 -18.80 -20.49 24.51
CA LEU E 166 -17.55 -20.16 23.85
C LEU E 166 -17.74 -19.75 22.40
N LEU E 167 -18.95 -19.86 21.85
CA LEU E 167 -19.22 -19.47 20.48
C LEU E 167 -19.35 -17.95 20.40
N HIS E 168 -18.49 -17.33 19.60
CA HIS E 168 -18.47 -15.88 19.44
C HIS E 168 -19.34 -15.47 18.26
N SER E 169 -19.76 -14.20 18.27
CA SER E 169 -20.66 -13.71 17.23
C SER E 169 -20.05 -13.83 15.84
N ASN E 170 -18.72 -13.89 15.76
CA ASN E 170 -18.05 -13.99 14.46
C ASN E 170 -18.36 -15.28 13.73
N GLY E 171 -18.82 -16.31 14.44
CA GLY E 171 -19.18 -17.57 13.83
C GLY E 171 -18.23 -18.72 14.08
N ASN E 172 -17.49 -18.71 15.19
CA ASN E 172 -16.58 -19.79 15.52
C ASN E 172 -16.53 -19.96 17.03
N THR E 173 -16.13 -21.15 17.46
CA THR E 173 -16.03 -21.49 18.87
C THR E 173 -14.56 -21.60 19.24
N TYR E 174 -14.18 -20.99 20.37
CA TYR E 174 -12.79 -21.00 20.84
C TYR E 174 -12.60 -22.11 21.88
N LEU E 175 -12.39 -23.33 21.37
CA LEU E 175 -12.15 -24.50 22.19
C LEU E 175 -10.86 -25.18 21.76
N TYR E 176 -10.11 -25.68 22.73
CA TYR E 176 -8.84 -26.36 22.46
C TYR E 176 -8.76 -27.63 23.29
N TRP E 177 -8.11 -28.65 22.72
CA TRP E 177 -7.90 -29.93 23.39
C TRP E 177 -6.41 -30.25 23.36
N PHE E 178 -5.87 -30.65 24.52
CA PHE E 178 -4.46 -30.98 24.66
C PHE E 178 -4.32 -32.37 25.28
N LEU E 179 -3.36 -33.13 24.78
CA LEU E 179 -3.09 -34.49 25.27
C LEU E 179 -1.69 -34.51 25.87
N GLN E 180 -1.60 -34.81 27.16
CA GLN E 180 -0.34 -34.89 27.87
C GLN E 180 -0.08 -36.35 28.24
N ARG E 181 0.91 -36.96 27.59
CA ARG E 181 1.25 -38.35 27.86
C ARG E 181 2.22 -38.45 29.03
N PRO E 182 2.33 -39.62 29.64
CA PRO E 182 3.29 -39.78 30.76
C PRO E 182 4.71 -39.44 30.32
N GLY E 183 5.29 -38.43 30.96
CA GLY E 183 6.63 -38.01 30.64
C GLY E 183 6.76 -37.19 29.38
N GLN E 184 5.66 -36.58 28.90
CA GLN E 184 5.69 -35.77 27.69
C GLN E 184 4.76 -34.59 27.87
N SER E 185 5.15 -33.44 27.33
CA SER E 185 4.37 -32.23 27.45
C SER E 185 3.05 -32.37 26.68
N PRO E 186 2.07 -31.51 26.97
CA PRO E 186 0.80 -31.59 26.23
C PRO E 186 0.99 -31.37 24.75
N GLN E 187 0.08 -31.94 23.96
CA GLN E 187 0.10 -31.83 22.51
C GLN E 187 -1.28 -31.39 22.03
N LEU E 188 -1.31 -30.34 21.22
CA LEU E 188 -2.58 -29.82 20.70
C LEU E 188 -3.19 -30.82 19.73
N LEU E 189 -4.42 -31.25 20.03
CA LEU E 189 -5.13 -32.21 19.17
C LEU E 189 -6.01 -31.46 18.17
N ILE E 190 -6.94 -30.66 18.67
CA ILE E 190 -7.89 -29.92 17.85
C ILE E 190 -8.01 -28.51 18.41
N TYR E 191 -8.06 -27.52 17.52
CA TYR E 191 -8.20 -26.13 17.90
C TYR E 191 -9.45 -25.54 17.28
N ARG E 192 -10.13 -24.69 18.05
CA ARG E 192 -11.36 -24.03 17.62
C ARG E 192 -12.49 -25.04 17.36
N MET E 193 -12.33 -26.26 17.87
CA MET E 193 -13.34 -27.31 17.90
C MET E 193 -13.61 -27.91 16.52
N SER E 194 -13.04 -27.36 15.44
CA SER E 194 -13.36 -27.84 14.10
C SER E 194 -12.15 -28.07 13.21
N ASN E 195 -10.95 -27.67 13.61
CA ASN E 195 -9.75 -27.81 12.79
C ASN E 195 -8.77 -28.72 13.49
N LEU E 196 -8.41 -29.83 12.83
CA LEU E 196 -7.46 -30.78 13.39
C LEU E 196 -6.05 -30.24 13.28
N ALA E 197 -5.30 -30.29 14.38
CA ALA E 197 -3.94 -29.79 14.38
C ALA E 197 -3.05 -30.60 13.44
N SER E 198 -2.04 -29.94 12.89
CA SER E 198 -1.13 -30.61 11.98
C SER E 198 -0.34 -31.69 12.71
N GLY E 199 -0.15 -32.83 12.05
CA GLY E 199 0.56 -33.94 12.62
C GLY E 199 -0.26 -34.86 13.49
N VAL E 200 -1.48 -34.49 13.83
CA VAL E 200 -2.35 -35.34 14.66
C VAL E 200 -3.12 -36.30 13.76
N PRO E 201 -3.19 -37.58 14.08
CA PRO E 201 -3.96 -38.51 13.25
C PRO E 201 -5.41 -38.05 13.11
N ASP E 202 -6.04 -38.48 12.01
CA ASP E 202 -7.43 -38.13 11.75
C ASP E 202 -8.41 -38.87 12.66
N ARG E 203 -7.92 -39.78 13.51
CA ARG E 203 -8.83 -40.52 14.39
C ARG E 203 -9.56 -39.58 15.33
N PHE E 204 -8.89 -38.51 15.77
CA PHE E 204 -9.51 -37.59 16.71
C PHE E 204 -10.52 -36.70 16.00
N SER E 205 -11.66 -36.48 16.67
CA SER E 205 -12.72 -35.63 16.14
C SER E 205 -13.39 -34.91 17.30
N GLY E 206 -13.81 -33.66 17.05
CA GLY E 206 -14.41 -32.85 18.08
C GLY E 206 -15.59 -32.04 17.60
N SER E 207 -16.59 -31.89 18.45
CA SER E 207 -17.78 -31.12 18.12
C SER E 207 -18.39 -30.56 19.39
N GLY E 208 -19.40 -29.72 19.22
CA GLY E 208 -20.08 -29.12 20.35
C GLY E 208 -21.24 -28.28 19.88
N SER E 209 -22.03 -27.82 20.85
CA SER E 209 -23.22 -27.00 20.55
C SER E 209 -23.40 -26.02 21.70
N GLY E 210 -22.85 -24.80 21.53
CA GLY E 210 -23.00 -23.76 22.51
C GLY E 210 -22.10 -23.92 23.72
N THR E 211 -22.41 -24.91 24.56
CA THR E 211 -21.61 -25.17 25.75
C THR E 211 -21.24 -26.64 25.96
N ALA E 212 -21.99 -27.58 25.40
CA ALA E 212 -21.71 -29.00 25.56
C ALA E 212 -20.79 -29.44 24.42
N PHE E 213 -19.54 -29.75 24.75
CA PHE E 213 -18.54 -30.18 23.79
C PHE E 213 -18.18 -31.64 24.04
N THR E 214 -17.80 -32.33 22.97
CA THR E 214 -17.48 -33.75 23.02
C THR E 214 -16.27 -34.03 22.15
N LEU E 215 -15.33 -34.81 22.66
CA LEU E 215 -14.17 -35.25 21.91
C LEU E 215 -14.29 -36.75 21.67
N THR E 216 -14.42 -37.14 20.41
CA THR E 216 -14.62 -38.53 20.03
C THR E 216 -13.35 -39.09 19.39
N ILE E 217 -13.02 -40.33 19.73
CA ILE E 217 -11.87 -41.04 19.19
C ILE E 217 -12.38 -42.29 18.49
N SER E 218 -11.99 -42.47 17.22
CA SER E 218 -12.46 -43.61 16.46
C SER E 218 -11.96 -44.92 17.06
N ARG E 219 -10.65 -45.04 17.22
CA ARG E 219 -10.03 -46.25 17.77
C ARG E 219 -8.87 -45.85 18.66
N LEU E 220 -8.94 -46.24 19.93
CA LEU E 220 -7.88 -45.90 20.89
C LEU E 220 -6.67 -46.80 20.67
N GLU E 221 -5.48 -46.21 20.78
CA GLU E 221 -4.23 -46.92 20.62
C GLU E 221 -3.34 -46.68 21.84
N ALA E 222 -2.17 -47.32 21.85
CA ALA E 222 -1.26 -47.15 22.97
C ALA E 222 -0.79 -45.71 23.09
N GLU E 223 -0.56 -45.05 21.95
CA GLU E 223 -0.10 -43.66 21.99
C GLU E 223 -1.14 -42.73 22.59
N ASP E 224 -2.41 -43.12 22.60
CA ASP E 224 -3.47 -42.28 23.15
C ASP E 224 -3.50 -42.27 24.66
N VAL E 225 -2.72 -43.14 25.32
CA VAL E 225 -2.69 -43.16 26.78
C VAL E 225 -2.18 -41.82 27.29
N GLY E 226 -2.96 -41.16 28.12
CA GLY E 226 -2.59 -39.88 28.65
C GLY E 226 -3.79 -39.16 29.22
N VAL E 227 -3.59 -37.87 29.51
CA VAL E 227 -4.62 -37.01 30.08
C VAL E 227 -5.02 -35.99 29.03
N TYR E 228 -6.31 -35.79 28.85
CA TYR E 228 -6.85 -34.85 27.88
C TYR E 228 -7.35 -33.61 28.62
N TYR E 229 -6.80 -32.46 28.27
CA TYR E 229 -7.11 -31.20 28.93
C TYR E 229 -7.86 -30.29 27.96
N CYS E 230 -9.03 -29.84 28.37
CA CYS E 230 -9.80 -28.88 27.57
C CYS E 230 -9.44 -27.45 27.99
N MET E 231 -9.48 -26.54 27.02
CA MET E 231 -9.14 -25.14 27.27
C MET E 231 -10.04 -24.24 26.44
N GLN E 232 -10.51 -23.17 27.05
CA GLN E 232 -11.27 -22.14 26.36
C GLN E 232 -10.37 -20.94 26.09
N HIS E 233 -10.63 -20.26 24.98
CA HIS E 233 -9.84 -19.10 24.57
C HIS E 233 -10.74 -17.94 24.19
N LEU E 234 -11.93 -17.87 24.81
CA LEU E 234 -12.81 -16.74 24.58
C LEU E 234 -12.36 -15.52 25.37
N GLU E 235 -11.95 -15.73 26.63
CA GLU E 235 -11.42 -14.67 27.48
C GLU E 235 -9.95 -14.98 27.78
N TYR E 236 -9.12 -13.94 27.77
CA TYR E 236 -7.69 -14.10 27.98
C TYR E 236 -7.37 -14.82 29.29
N PRO E 237 -8.14 -14.63 30.37
CA PRO E 237 -7.91 -15.45 31.56
C PRO E 237 -8.26 -16.92 31.30
N LEU E 238 -7.36 -17.61 30.59
CA LEU E 238 -7.62 -18.97 30.18
C LEU E 238 -7.79 -19.89 31.39
N THR E 239 -8.57 -20.94 31.21
CA THR E 239 -8.79 -21.94 32.24
C THR E 239 -8.77 -23.33 31.61
N PHE E 240 -8.33 -24.32 32.38
CA PHE E 240 -8.22 -25.69 31.93
C PHE E 240 -9.11 -26.60 32.77
N GLY E 241 -9.61 -27.66 32.14
CA GLY E 241 -10.44 -28.61 32.83
C GLY E 241 -9.66 -29.46 33.80
N ALA E 242 -10.38 -30.38 34.46
CA ALA E 242 -9.75 -31.26 35.42
C ALA E 242 -8.78 -32.23 34.77
N GLY E 243 -9.05 -32.67 33.54
CA GLY E 243 -8.16 -33.59 32.85
C GLY E 243 -8.65 -35.02 32.85
N THR E 244 -9.22 -35.46 31.74
CA THR E 244 -9.71 -36.82 31.61
C THR E 244 -8.55 -37.74 31.26
N LYS E 245 -8.32 -38.76 32.08
CA LYS E 245 -7.21 -39.68 31.89
C LYS E 245 -7.72 -40.98 31.27
N LEU E 246 -7.00 -41.48 30.27
CA LEU E 246 -7.31 -42.74 29.62
C LEU E 246 -6.09 -43.65 29.65
N GLU E 247 -6.32 -44.93 29.95
CA GLU E 247 -5.26 -45.91 30.02
C GLU E 247 -5.82 -47.29 29.72
N LEU E 248 -5.04 -48.08 29.00
CA LEU E 248 -5.45 -49.43 28.64
C LEU E 248 -5.69 -50.28 29.90
#